data_6MFG
#
_entry.id   6MFG
#
_cell.length_a   59.226
_cell.length_b   101.968
_cell.length_c   70.528
_cell.angle_alpha   90.00
_cell.angle_beta   91.78
_cell.angle_gamma   90.00
#
_symmetry.space_group_name_H-M   'P 1 21 1'
#
loop_
_entity.id
_entity.type
_entity.pdbx_description
1 polymer 'HLA class II histocompatibility antigen, DQ alpha 1 chain'
2 polymer 'MHC class II HLA-DQ-beta-1 - DQ2-glia-alpha1 chimeric protein'
3 non-polymer 2-acetamido-2-deoxy-beta-D-glucopyranose
4 water water
#
loop_
_entity_poly.entity_id
_entity_poly.type
_entity_poly.pdbx_seq_one_letter_code
_entity_poly.pdbx_strand_id
1 'polypeptide(L)'
;EDIVADHVASYGVNLYQSYGPSGQYTHEFDGDEQFYVDLGRKETVWCLPVLRQFRFDPQFALTNIAVLKHNLNSLIKRSN
STAATNEVPEVTVFSKSPVTLGQPNILICLVDNIFPPVVNITWLSNGHSVTEGVSETSFLSKSDHSFFKISYLTLLPSAE
ESYDCKVEHWGLDKPLLKHWEPESGDDDDK
;
C,A
2 'polypeptide(L)'
;QPFPQPELPYPGSGGSIEGRGGSGASRDSPEDFVYQFKGMCYFTNGTERVRLVSRSIYNREEIVRFDSDVGEFRAVTLLG
LPAAEYWNSQKDILERKRAAVDRVCRHNYQLELRTTLQRRVEPTVTISPSRTEALNHHNLLVCSVTDFYPAQIKVRWFRN
DQEETAGVVSTPLIRNGDWTFQILVMLEMTPQRGDVYTCHVEHPSLQSPITVEWRAQSTGGDDDDK
;
E,F
#
# COMPACT_ATOMS: atom_id res chain seq x y z
N ILE A 3 -10.65 -1.83 4.96
CA ILE A 3 -12.07 -1.74 5.23
C ILE A 3 -12.85 -1.51 3.94
N VAL A 4 -13.90 -2.29 3.73
CA VAL A 4 -14.73 -2.21 2.52
C VAL A 4 -16.00 -1.46 2.88
N ALA A 5 -16.38 -0.50 2.04
CA ALA A 5 -17.58 0.29 2.27
C ALA A 5 -18.04 0.90 0.96
N ASP A 6 -19.34 1.17 0.86
CA ASP A 6 -19.86 1.88 -0.30
C ASP A 6 -19.32 3.30 -0.35
N HIS A 7 -19.21 3.95 0.80
CA HIS A 7 -18.67 5.30 0.89
C HIS A 7 -17.82 5.42 2.14
N VAL A 8 -16.77 6.22 2.04
CA VAL A 8 -15.89 6.51 3.17
C VAL A 8 -15.70 8.01 3.26
N ALA A 9 -15.77 8.54 4.48
CA ALA A 9 -15.64 9.97 4.72
C ALA A 9 -14.69 10.19 5.88
N SER A 10 -14.08 11.38 5.89
CA SER A 10 -13.24 11.82 7.01
C SER A 10 -13.83 13.13 7.52
N TYR A 11 -14.38 13.11 8.74
CA TYR A 11 -14.97 14.29 9.36
C TYR A 11 -14.27 14.68 10.66
N GLY A 12 -13.04 15.20 10.59
CA GLY A 12 -12.33 15.41 9.35
C GLY A 12 -10.89 14.92 9.42
N VAL A 13 -10.07 15.33 8.45
CA VAL A 13 -8.63 15.08 8.51
C VAL A 13 -7.98 16.23 9.26
N ASN A 14 -7.34 15.92 10.38
CA ASN A 14 -6.63 16.89 11.20
C ASN A 14 -5.14 16.64 11.08
N LEU A 15 -4.38 17.71 10.84
CA LEU A 15 -2.95 17.59 10.64
C LEU A 15 -2.24 18.70 11.40
N TYR A 16 -1.18 18.34 12.12
CA TYR A 16 -0.30 19.32 12.76
C TYR A 16 1.11 18.74 12.78
N GLN A 17 2.09 19.57 12.41
CA GLN A 17 3.47 19.14 12.36
C GLN A 17 4.36 20.22 12.95
N SER A 18 5.50 19.80 13.51
CA SER A 18 6.41 20.72 14.17
C SER A 18 7.01 21.71 13.19
N TYR A 19 7.28 21.27 11.96
CA TYR A 19 7.87 22.16 10.96
C TYR A 19 6.90 23.29 10.63
N GLY A 20 7.32 24.52 10.91
CA GLY A 20 6.50 25.69 10.71
C GLY A 20 6.40 26.53 11.96
N PRO A 21 5.57 26.10 12.93
CA PRO A 21 4.71 24.92 12.79
C PRO A 21 3.51 25.20 11.90
N SER A 22 2.88 24.14 11.38
CA SER A 22 1.78 24.30 10.44
C SER A 22 0.72 23.25 10.70
N GLY A 23 -0.52 23.58 10.35
CA GLY A 23 -1.63 22.67 10.52
C GLY A 23 -2.55 22.73 9.33
N GLN A 24 -3.43 21.74 9.26
CA GLN A 24 -4.41 21.64 8.19
C GLN A 24 -5.65 20.96 8.73
N TYR A 25 -6.82 21.49 8.35
CA TYR A 25 -8.10 20.88 8.69
C TYR A 25 -8.94 20.80 7.43
N THR A 26 -9.40 19.60 7.09
CA THR A 26 -10.23 19.37 5.93
C THR A 26 -11.28 18.31 6.26
N HIS A 27 -12.31 18.26 5.43
CA HIS A 27 -13.26 17.15 5.41
C HIS A 27 -13.20 16.50 4.03
N GLU A 28 -13.27 15.18 3.99
CA GLU A 28 -13.20 14.43 2.75
C GLU A 28 -14.40 13.49 2.65
N PHE A 29 -14.91 13.33 1.43
CA PHE A 29 -15.95 12.34 1.15
C PHE A 29 -15.59 11.61 -0.13
N ASP A 30 -15.43 10.29 -0.02
CA ASP A 30 -15.05 9.44 -1.15
C ASP A 30 -13.77 9.95 -1.83
N GLY A 31 -12.81 10.38 -1.01
CA GLY A 31 -11.50 10.74 -1.49
C GLY A 31 -11.35 12.14 -2.04
N ASP A 32 -12.40 12.97 -2.00
CA ASP A 32 -12.33 14.33 -2.51
C ASP A 32 -12.52 15.32 -1.36
N GLU A 33 -11.87 16.47 -1.48
CA GLU A 33 -11.88 17.49 -0.44
C GLU A 33 -13.18 18.26 -0.47
N GLN A 34 -13.97 18.15 0.60
CA GLN A 34 -15.21 18.92 0.69
C GLN A 34 -14.93 20.38 1.04
N PHE A 35 -14.04 20.63 1.99
CA PHE A 35 -13.65 22.00 2.34
C PHE A 35 -12.36 21.93 3.15
N TYR A 36 -11.72 23.09 3.29
CA TYR A 36 -10.66 23.29 4.25
C TYR A 36 -10.96 24.53 5.05
N VAL A 37 -10.36 24.61 6.24
CA VAL A 37 -10.48 25.77 7.09
C VAL A 37 -9.16 26.54 7.01
N ASP A 38 -9.24 27.79 6.58
CA ASP A 38 -8.05 28.65 6.56
C ASP A 38 -7.74 29.03 8.00
N LEU A 39 -6.74 28.36 8.58
CA LEU A 39 -6.44 28.57 10.00
C LEU A 39 -5.99 30.01 10.25
N GLY A 40 -5.24 30.59 9.32
CA GLY A 40 -4.80 31.97 9.49
C GLY A 40 -5.95 32.96 9.44
N ARG A 41 -6.80 32.86 8.43
CA ARG A 41 -7.92 33.79 8.25
C ARG A 41 -9.17 33.39 9.02
N LYS A 42 -9.19 32.19 9.61
CA LYS A 42 -10.33 31.71 10.38
C LYS A 42 -11.62 31.72 9.56
N GLU A 43 -11.61 30.98 8.46
CA GLU A 43 -12.81 30.91 7.62
C GLU A 43 -12.83 29.59 6.86
N THR A 44 -14.04 29.09 6.66
CA THR A 44 -14.24 27.84 5.94
C THR A 44 -14.32 28.12 4.45
N VAL A 45 -13.51 27.39 3.68
CA VAL A 45 -13.43 27.56 2.22
C VAL A 45 -13.94 26.28 1.58
N TRP A 46 -15.14 26.34 1.00
CA TRP A 46 -15.75 25.17 0.40
C TRP A 46 -15.14 24.90 -0.98
N CYS A 47 -14.82 23.63 -1.23
CA CYS A 47 -14.29 23.24 -2.54
C CYS A 47 -15.39 22.95 -3.55
N LEU A 48 -16.55 22.49 -3.09
CA LEU A 48 -17.65 22.13 -3.97
C LEU A 48 -18.76 23.16 -3.87
N PRO A 49 -19.19 23.74 -4.99
CA PRO A 49 -20.18 24.84 -4.90
C PRO A 49 -21.48 24.47 -4.20
N VAL A 50 -22.00 23.26 -4.41
CA VAL A 50 -23.26 22.87 -3.79
C VAL A 50 -23.13 22.83 -2.27
N LEU A 51 -21.91 22.72 -1.75
CA LEU A 51 -21.69 22.67 -0.31
C LEU A 51 -21.70 24.05 0.35
N ARG A 52 -21.67 25.12 -0.44
CA ARG A 52 -21.69 26.46 0.13
C ARG A 52 -22.99 26.78 0.85
N GLN A 53 -24.03 25.97 0.68
CA GLN A 53 -25.27 26.17 1.42
C GLN A 53 -25.13 25.82 2.90
N PHE A 54 -24.01 25.24 3.30
CA PHE A 54 -23.77 24.86 4.68
C PHE A 54 -22.85 25.86 5.37
N ARG A 55 -22.86 25.82 6.69
CA ARG A 55 -21.95 26.60 7.50
C ARG A 55 -21.11 25.64 8.35
N PHE A 56 -19.84 25.96 8.52
CA PHE A 56 -18.97 25.19 9.39
C PHE A 56 -18.15 26.17 10.22
N ASP A 57 -18.26 26.06 11.54
CA ASP A 57 -17.59 26.98 12.44
C ASP A 57 -16.09 26.78 12.32
N PRO A 58 -15.34 27.75 11.80
CA PRO A 58 -13.88 27.55 11.69
C PRO A 58 -13.19 27.42 13.04
N GLN A 59 -13.84 27.86 14.12
CA GLN A 59 -13.25 27.75 15.44
C GLN A 59 -13.07 26.28 15.85
N PHE A 60 -13.92 25.38 15.35
CA PHE A 60 -13.72 23.97 15.64
C PHE A 60 -12.35 23.50 15.18
N ALA A 61 -11.96 23.89 13.96
CA ALA A 61 -10.66 23.49 13.43
C ALA A 61 -9.53 24.05 14.28
N LEU A 62 -9.64 25.32 14.68
CA LEU A 62 -8.59 25.93 15.50
C LEU A 62 -8.45 25.22 16.84
N THR A 63 -9.58 24.93 17.50
CA THR A 63 -9.53 24.25 18.79
C THR A 63 -9.01 22.83 18.65
N ASN A 64 -9.41 22.11 17.60
CA ASN A 64 -8.93 20.75 17.38
C ASN A 64 -7.43 20.73 17.13
N ILE A 65 -6.95 21.61 16.24
CA ILE A 65 -5.52 21.68 15.96
C ILE A 65 -4.73 21.99 17.21
N ALA A 66 -5.29 22.79 18.11
CA ALA A 66 -4.62 23.06 19.39
C ALA A 66 -4.46 21.77 20.19
N VAL A 67 -5.48 20.90 20.17
CA VAL A 67 -5.36 19.61 20.84
C VAL A 67 -4.27 18.78 20.18
N LEU A 68 -4.21 18.78 18.85
CA LEU A 68 -3.16 18.04 18.15
C LEU A 68 -1.78 18.55 18.54
N LYS A 69 -1.61 19.87 18.68
CA LYS A 69 -0.33 20.43 19.07
C LYS A 69 0.08 19.95 20.46
N HIS A 70 -0.88 19.94 21.41
CA HIS A 70 -0.58 19.43 22.74
C HIS A 70 -0.23 17.95 22.71
N ASN A 71 -0.99 17.16 21.96
CA ASN A 71 -0.72 15.73 21.89
C ASN A 71 0.62 15.45 21.21
N LEU A 72 0.97 16.24 20.18
CA LEU A 72 2.23 16.02 19.49
C LEU A 72 3.41 16.23 20.43
N ASN A 73 3.37 17.27 21.27
CA ASN A 73 4.48 17.55 22.17
C ASN A 73 4.70 16.40 23.14
N SER A 74 3.61 15.79 23.62
CA SER A 74 3.75 14.64 24.52
C SER A 74 4.38 13.46 23.79
N LEU A 75 3.95 13.19 22.55
CA LEU A 75 4.46 12.05 21.81
C LEU A 75 5.91 12.26 21.38
N ILE A 76 6.31 13.51 21.10
CA ILE A 76 7.69 13.78 20.76
C ILE A 76 8.62 13.33 21.89
N LYS A 77 8.20 13.57 23.13
CA LYS A 77 9.01 13.17 24.28
C LYS A 77 8.90 11.68 24.54
N ARG A 78 7.68 11.14 24.53
CA ARG A 78 7.48 9.72 24.83
C ARG A 78 8.17 8.82 23.81
N SER A 79 8.22 9.24 22.54
CA SER A 79 8.88 8.46 21.50
C SER A 79 10.37 8.70 21.44
N ASN A 80 10.92 9.53 22.33
CA ASN A 80 12.35 9.86 22.34
C ASN A 80 12.75 10.59 21.05
N SER A 81 11.90 11.54 20.64
CA SER A 81 12.16 12.39 19.47
C SER A 81 12.32 11.57 18.20
N THR A 82 11.39 10.63 17.99
CA THR A 82 11.36 9.85 16.76
C THR A 82 10.77 10.71 15.65
N ALA A 83 11.62 11.15 14.72
CA ALA A 83 11.20 12.07 13.69
C ALA A 83 10.57 11.32 12.51
N ALA A 84 9.86 12.06 11.69
CA ALA A 84 9.25 11.50 10.48
C ALA A 84 10.32 11.11 9.48
N THR A 85 10.01 10.10 8.67
CA THR A 85 10.90 9.63 7.61
C THR A 85 10.47 10.25 6.29
N ASN A 86 11.43 10.83 5.57
CA ASN A 86 11.15 11.44 4.28
C ASN A 86 10.98 10.34 3.23
N GLU A 87 9.82 10.33 2.56
CA GLU A 87 9.57 9.38 1.49
C GLU A 87 9.80 10.03 0.13
N VAL A 88 9.93 9.19 -0.89
CA VAL A 88 10.14 9.65 -2.25
C VAL A 88 8.77 9.86 -2.89
N PRO A 89 8.40 11.08 -3.24
CA PRO A 89 7.09 11.30 -3.87
C PRO A 89 7.08 10.84 -5.32
N GLU A 90 5.90 10.47 -5.79
CA GLU A 90 5.68 10.06 -7.17
C GLU A 90 4.87 11.13 -7.88
N VAL A 91 5.38 11.64 -9.00
CA VAL A 91 4.80 12.79 -9.69
C VAL A 91 4.31 12.35 -11.06
N THR A 92 3.09 12.74 -11.42
CA THR A 92 2.51 12.46 -12.72
C THR A 92 1.82 13.72 -13.22
N VAL A 93 2.04 14.06 -14.49
CA VAL A 93 1.45 15.23 -15.13
C VAL A 93 0.56 14.76 -16.27
N PHE A 94 -0.67 15.28 -16.32
CA PHE A 94 -1.62 14.92 -17.36
C PHE A 94 -2.63 16.06 -17.50
N SER A 95 -3.31 16.09 -18.64
CA SER A 95 -4.30 17.10 -18.90
C SER A 95 -5.68 16.67 -18.42
N LYS A 96 -6.50 17.65 -18.03
CA LYS A 96 -7.86 17.35 -17.59
C LYS A 96 -8.70 16.84 -18.75
N SER A 97 -8.52 17.41 -19.94
CA SER A 97 -9.27 17.05 -21.13
C SER A 97 -8.32 16.65 -22.24
N PRO A 98 -8.81 15.98 -23.28
CA PRO A 98 -7.94 15.72 -24.44
C PRO A 98 -7.45 17.03 -25.04
N VAL A 99 -6.24 17.00 -25.57
CA VAL A 99 -5.60 18.21 -26.07
C VAL A 99 -6.21 18.57 -27.42
N THR A 100 -6.79 19.76 -27.50
CA THR A 100 -7.21 20.35 -28.76
C THR A 100 -6.64 21.76 -28.80
N LEU A 101 -5.83 22.04 -29.82
CA LEU A 101 -5.15 23.32 -29.89
C LEU A 101 -6.17 24.45 -29.98
N GLY A 102 -5.99 25.46 -29.12
CA GLY A 102 -6.91 26.58 -29.04
C GLY A 102 -8.07 26.39 -28.10
N GLN A 103 -8.25 25.19 -27.52
CA GLN A 103 -9.32 24.98 -26.56
C GLN A 103 -8.76 25.05 -25.14
N PRO A 104 -9.33 25.89 -24.28
CA PRO A 104 -8.82 25.99 -22.90
C PRO A 104 -8.80 24.64 -22.21
N ASN A 105 -7.69 24.36 -21.53
CA ASN A 105 -7.49 23.09 -20.86
C ASN A 105 -6.86 23.35 -19.50
N ILE A 106 -6.60 22.28 -18.76
CA ILE A 106 -5.98 22.37 -17.45
C ILE A 106 -4.94 21.26 -17.33
N LEU A 107 -3.71 21.63 -17.00
CA LEU A 107 -2.67 20.65 -16.70
C LEU A 107 -2.78 20.26 -15.24
N ILE A 108 -2.67 18.97 -14.96
CA ILE A 108 -2.84 18.42 -13.63
C ILE A 108 -1.54 17.76 -13.22
N CYS A 109 -0.99 18.18 -12.08
CA CYS A 109 0.24 17.60 -11.54
C CYS A 109 -0.12 16.87 -10.25
N LEU A 110 -0.12 15.54 -10.31
CA LEU A 110 -0.41 14.71 -9.15
C LEU A 110 0.91 14.35 -8.45
N VAL A 111 1.02 14.71 -7.18
CA VAL A 111 2.18 14.38 -6.36
C VAL A 111 1.71 13.41 -5.30
N ASP A 112 2.11 12.15 -5.42
CA ASP A 112 1.65 11.06 -4.55
C ASP A 112 2.76 10.64 -3.61
N ASN A 113 2.38 9.86 -2.59
CA ASN A 113 3.33 9.33 -1.60
C ASN A 113 4.11 10.45 -0.92
N ILE A 114 3.38 11.47 -0.47
CA ILE A 114 3.99 12.61 0.20
C ILE A 114 4.06 12.34 1.70
N PHE A 115 5.29 12.28 2.23
CA PHE A 115 5.49 12.35 3.66
C PHE A 115 6.93 12.76 3.98
N PRO A 116 7.08 13.73 4.89
CA PRO A 116 6.02 14.45 5.59
C PRO A 116 5.27 15.43 4.68
N PRO A 117 4.08 15.90 5.10
CA PRO A 117 3.30 16.81 4.24
C PRO A 117 3.90 18.21 4.16
N VAL A 118 5.07 18.31 3.55
CA VAL A 118 5.71 19.58 3.23
C VAL A 118 6.28 19.47 1.83
N VAL A 119 5.76 20.27 0.90
CA VAL A 119 6.15 20.16 -0.50
C VAL A 119 5.96 21.51 -1.17
N ASN A 120 6.74 21.74 -2.22
CA ASN A 120 6.59 22.91 -3.08
C ASN A 120 6.32 22.43 -4.49
N ILE A 121 5.15 22.77 -5.03
CA ILE A 121 4.77 22.42 -6.38
C ILE A 121 4.61 23.71 -7.18
N THR A 122 5.46 23.89 -8.19
CA THR A 122 5.43 25.06 -9.04
C THR A 122 5.39 24.61 -10.50
N TRP A 123 4.98 25.54 -11.37
CA TRP A 123 4.87 25.27 -12.79
C TRP A 123 5.88 26.12 -13.56
N LEU A 124 6.42 25.54 -14.63
CA LEU A 124 7.32 26.25 -15.52
C LEU A 124 6.76 26.22 -16.93
N SER A 125 6.86 27.36 -17.62
CA SER A 125 6.48 27.45 -19.03
C SER A 125 7.63 28.07 -19.79
N ASN A 126 8.19 27.32 -20.74
CA ASN A 126 9.37 27.75 -21.49
C ASN A 126 10.47 28.23 -20.57
N GLY A 127 10.60 27.57 -19.41
CA GLY A 127 11.64 27.87 -18.46
C GLY A 127 11.33 28.95 -17.44
N HIS A 128 10.12 29.52 -17.46
CA HIS A 128 9.76 30.56 -16.50
C HIS A 128 8.62 30.08 -15.59
N SER A 129 8.66 30.54 -14.34
CA SER A 129 7.63 30.19 -13.39
C SER A 129 6.31 30.84 -13.79
N VAL A 130 5.22 30.10 -13.66
CA VAL A 130 3.89 30.59 -13.99
C VAL A 130 3.14 30.85 -12.68
N THR A 131 2.49 32.00 -12.61
CA THR A 131 1.70 32.39 -11.45
C THR A 131 0.20 32.40 -11.74
N GLU A 132 -0.21 33.04 -12.83
CA GLU A 132 -1.63 33.11 -13.15
C GLU A 132 -2.14 31.75 -13.61
N GLY A 133 -3.36 31.42 -13.18
CA GLY A 133 -3.97 30.17 -13.57
C GLY A 133 -3.51 28.97 -12.78
N VAL A 134 -2.82 29.17 -11.67
CA VAL A 134 -2.29 28.09 -10.84
C VAL A 134 -3.13 27.97 -9.59
N SER A 135 -3.48 26.74 -9.22
CA SER A 135 -4.17 26.47 -7.97
C SER A 135 -3.81 25.05 -7.55
N GLU A 136 -4.17 24.70 -6.33
CA GLU A 136 -3.87 23.36 -5.83
C GLU A 136 -4.86 22.98 -4.75
N THR A 137 -4.98 21.68 -4.54
CA THR A 137 -5.78 21.15 -3.45
C THR A 137 -5.00 21.27 -2.14
N SER A 138 -5.63 20.87 -1.05
CA SER A 138 -4.92 20.68 0.20
C SER A 138 -4.17 19.35 0.16
N PHE A 139 -3.51 19.01 1.26
CA PHE A 139 -2.96 17.67 1.38
C PHE A 139 -4.11 16.70 1.62
N LEU A 140 -4.24 15.71 0.74
CA LEU A 140 -5.32 14.75 0.81
C LEU A 140 -4.82 13.45 1.41
N SER A 141 -5.62 12.87 2.30
CA SER A 141 -5.18 11.75 3.12
C SER A 141 -5.11 10.45 2.32
N LYS A 142 -4.28 9.53 2.82
CA LYS A 142 -4.18 8.18 2.30
C LYS A 142 -4.27 7.20 3.45
N SER A 143 -4.72 5.98 3.15
CA SER A 143 -4.93 4.98 4.19
C SER A 143 -3.63 4.56 4.87
N ASP A 144 -2.49 4.71 4.19
CA ASP A 144 -1.21 4.43 4.81
C ASP A 144 -0.63 5.64 5.53
N HIS A 145 -1.43 6.71 5.66
CA HIS A 145 -1.15 7.91 6.43
C HIS A 145 -0.10 8.81 5.78
N SER A 146 0.28 8.53 4.54
CA SER A 146 0.97 9.53 3.72
C SER A 146 -0.10 10.43 3.10
N PHE A 147 0.33 11.34 2.23
CA PHE A 147 -0.60 12.28 1.59
C PHE A 147 -0.34 12.32 0.09
N PHE A 148 -1.29 12.90 -0.63
CA PHE A 148 -1.07 13.32 -2.00
C PHE A 148 -1.63 14.72 -2.18
N LYS A 149 -1.14 15.39 -3.21
CA LYS A 149 -1.53 16.77 -3.48
C LYS A 149 -1.56 16.99 -4.97
N ILE A 150 -2.53 17.79 -5.43
CA ILE A 150 -2.75 18.01 -6.86
C ILE A 150 -2.66 19.51 -7.14
N SER A 151 -1.86 19.87 -8.14
CA SER A 151 -1.74 21.25 -8.59
C SER A 151 -2.29 21.37 -10.00
N TYR A 152 -2.88 22.53 -10.29
CA TYR A 152 -3.53 22.78 -11.58
C TYR A 152 -2.92 24.00 -12.25
N LEU A 153 -2.78 23.92 -13.57
CA LEU A 153 -2.35 25.06 -14.38
C LEU A 153 -3.28 25.16 -15.57
N THR A 154 -4.04 26.25 -15.64
CA THR A 154 -4.85 26.52 -16.81
C THR A 154 -3.96 26.95 -17.97
N LEU A 155 -4.35 26.56 -19.18
CA LEU A 155 -3.52 26.85 -20.34
C LEU A 155 -4.36 26.82 -21.59
N LEU A 156 -3.82 27.42 -22.64
CA LEU A 156 -4.39 27.34 -23.99
C LEU A 156 -3.36 26.59 -24.83
N PRO A 157 -3.56 25.30 -25.07
CA PRO A 157 -2.52 24.50 -25.73
C PRO A 157 -2.18 25.03 -27.11
N SER A 158 -0.88 25.17 -27.36
CA SER A 158 -0.36 25.63 -28.63
C SER A 158 0.89 24.82 -28.96
N ALA A 159 1.27 24.84 -30.23
CA ALA A 159 2.38 24.01 -30.70
C ALA A 159 3.73 24.45 -30.15
N GLU A 160 3.85 25.69 -29.69
CA GLU A 160 5.13 26.25 -29.28
C GLU A 160 5.29 26.32 -27.77
N GLU A 161 4.31 25.86 -27.00
CA GLU A 161 4.36 25.97 -25.55
C GLU A 161 4.43 24.60 -24.92
N SER A 162 5.43 24.39 -24.06
CA SER A 162 5.57 23.19 -23.27
C SER A 162 5.78 23.60 -21.82
N TYR A 163 5.46 22.69 -20.91
CA TYR A 163 5.43 23.00 -19.49
C TYR A 163 6.15 21.92 -18.69
N ASP A 164 6.46 22.27 -17.44
CA ASP A 164 7.06 21.35 -16.49
C ASP A 164 6.42 21.59 -15.14
N CYS A 165 6.15 20.51 -14.42
CA CYS A 165 5.75 20.60 -13.02
C CYS A 165 6.98 20.34 -12.17
N LYS A 166 7.32 21.30 -11.32
CA LYS A 166 8.52 21.24 -10.50
C LYS A 166 8.12 20.93 -9.07
N VAL A 167 8.65 19.84 -8.53
CA VAL A 167 8.29 19.36 -7.21
C VAL A 167 9.56 19.33 -6.36
N GLU A 168 9.54 20.05 -5.25
CA GLU A 168 10.61 20.06 -4.27
C GLU A 168 10.12 19.39 -3.00
N HIS A 169 10.86 18.39 -2.52
CA HIS A 169 10.51 17.66 -1.32
C HIS A 169 11.79 17.16 -0.67
N TRP A 170 11.76 17.03 0.66
CA TRP A 170 12.93 16.58 1.40
C TRP A 170 13.35 15.16 1.02
N GLY A 171 12.43 14.36 0.47
CA GLY A 171 12.75 13.05 -0.05
C GLY A 171 13.45 13.03 -1.39
N LEU A 172 13.64 14.19 -2.02
CA LEU A 172 14.32 14.30 -3.30
C LEU A 172 15.56 15.17 -3.12
N ASP A 173 16.72 14.64 -3.52
CA ASP A 173 17.95 15.43 -3.43
C ASP A 173 17.93 16.60 -4.40
N LYS A 174 17.32 16.44 -5.57
CA LYS A 174 17.12 17.51 -6.53
C LYS A 174 15.63 17.67 -6.83
N PRO A 175 15.20 18.89 -7.15
CA PRO A 175 13.79 19.08 -7.54
C PRO A 175 13.45 18.21 -8.73
N LEU A 176 12.24 17.64 -8.69
CA LEU A 176 11.78 16.76 -9.75
C LEU A 176 10.97 17.57 -10.75
N LEU A 177 11.30 17.40 -12.04
CA LEU A 177 10.61 18.09 -13.12
C LEU A 177 9.96 17.04 -14.02
N LYS A 178 8.64 17.12 -14.16
CA LYS A 178 7.89 16.23 -15.03
C LYS A 178 7.37 17.07 -16.20
N HIS A 179 7.78 16.73 -17.41
CA HIS A 179 7.54 17.53 -18.60
C HIS A 179 6.20 17.15 -19.23
N TRP A 180 5.61 18.13 -19.93
CA TRP A 180 4.37 17.93 -20.66
C TRP A 180 4.39 18.73 -21.94
N GLU A 181 3.99 18.11 -23.05
CA GLU A 181 3.92 18.73 -24.36
C GLU A 181 2.56 18.47 -24.99
N PRO A 182 2.07 19.40 -25.81
CA PRO A 182 0.75 19.22 -26.42
C PRO A 182 0.69 18.09 -27.43
N GLU A 183 1.81 17.72 -28.04
CA GLU A 183 1.86 16.66 -29.05
C GLU A 183 0.90 16.93 -30.21
N GLN B 1 7.14 -32.44 -7.00
CA GLN B 1 7.03 -32.02 -8.38
C GLN B 1 6.18 -30.76 -8.56
N PRO B 2 6.55 -29.65 -7.91
CA PRO B 2 5.78 -28.41 -8.11
C PRO B 2 5.90 -27.93 -9.54
N PHE B 3 4.76 -27.58 -10.14
CA PHE B 3 4.73 -27.16 -11.52
C PHE B 3 4.72 -25.65 -11.60
N PRO B 4 5.70 -25.03 -12.27
CA PRO B 4 5.78 -23.57 -12.30
C PRO B 4 5.20 -22.98 -13.57
N GLN B 5 5.03 -21.66 -13.58
CA GLN B 5 4.52 -20.95 -14.75
C GLN B 5 5.67 -20.37 -15.55
N PRO B 6 5.72 -20.59 -16.86
CA PRO B 6 6.78 -19.98 -17.67
C PRO B 6 6.42 -18.58 -18.12
N GLU B 7 7.46 -17.79 -18.34
CA GLU B 7 7.29 -16.48 -18.95
C GLU B 7 7.46 -16.60 -20.46
N LEU B 8 6.73 -15.77 -21.19
CA LEU B 8 6.75 -15.85 -22.64
C LEU B 8 7.60 -14.72 -23.23
N PRO B 9 8.28 -14.99 -24.36
CA PRO B 9 9.16 -13.98 -24.95
C PRO B 9 8.38 -12.80 -25.52
N TYR B 10 8.97 -11.61 -25.39
CA TYR B 10 8.41 -10.38 -25.92
C TYR B 10 8.64 -10.31 -27.44
N PRO B 11 7.67 -9.81 -28.22
CA PRO B 11 7.83 -9.70 -29.67
C PRO B 11 8.99 -8.80 -30.07
N SER B 29 18.48 19.45 6.13
CA SER B 29 17.09 19.05 5.99
C SER B 29 16.37 19.13 7.33
N PRO B 30 15.27 19.86 7.39
CA PRO B 30 14.58 20.07 8.67
C PRO B 30 14.01 18.78 9.26
N GLU B 31 14.03 18.72 10.59
CA GLU B 31 13.42 17.62 11.32
C GLU B 31 11.94 17.90 11.49
N ASP B 32 11.11 16.88 11.30
CA ASP B 32 9.67 17.08 11.33
C ASP B 32 8.99 15.98 12.16
N PHE B 33 8.07 16.40 13.02
CA PHE B 33 7.26 15.51 13.84
C PHE B 33 5.80 15.76 13.47
N VAL B 34 5.11 14.71 13.04
CA VAL B 34 3.77 14.85 12.45
C VAL B 34 2.75 14.13 13.31
N TYR B 35 1.60 14.79 13.51
CA TYR B 35 0.48 14.20 14.21
C TYR B 35 -0.76 14.32 13.34
N GLN B 36 -1.55 13.25 13.26
CA GLN B 36 -2.78 13.25 12.49
C GLN B 36 -3.92 12.69 13.33
N PHE B 37 -5.12 13.24 13.11
CA PHE B 37 -6.35 12.69 13.68
C PHE B 37 -7.39 12.63 12.58
N LYS B 38 -7.93 11.44 12.35
CA LYS B 38 -8.89 11.20 11.27
C LYS B 38 -10.20 10.69 11.88
N GLY B 39 -11.25 11.49 11.77
CA GLY B 39 -12.56 11.06 12.21
C GLY B 39 -13.33 10.44 11.07
N MET B 40 -13.12 9.14 10.85
CA MET B 40 -13.60 8.48 9.64
C MET B 40 -14.93 7.78 9.85
N CYS B 41 -15.72 7.74 8.78
CA CYS B 41 -17.04 7.11 8.75
C CYS B 41 -17.11 6.22 7.53
N TYR B 42 -17.59 4.99 7.73
CA TYR B 42 -17.74 4.01 6.65
C TYR B 42 -19.21 3.67 6.50
N PHE B 43 -19.72 3.82 5.28
CA PHE B 43 -21.15 3.65 4.98
C PHE B 43 -21.34 2.50 4.01
N THR B 44 -22.30 1.62 4.33
CA THR B 44 -22.69 0.53 3.43
C THR B 44 -24.20 0.42 3.45
N ASN B 45 -24.80 0.29 2.25
CA ASN B 45 -26.25 0.24 2.09
C ASN B 45 -26.92 1.46 2.73
N GLY B 46 -26.55 2.63 2.23
CA GLY B 46 -27.04 3.86 2.83
C GLY B 46 -26.50 4.00 4.24
N THR B 47 -27.40 4.24 5.19
CA THR B 47 -27.04 4.32 6.60
C THR B 47 -27.43 3.07 7.38
N GLU B 48 -27.80 1.99 6.70
CA GLU B 48 -28.12 0.75 7.42
C GLU B 48 -26.91 0.23 8.19
N ARG B 49 -25.76 0.19 7.53
CA ARG B 49 -24.51 -0.28 8.13
C ARG B 49 -23.54 0.89 8.15
N VAL B 50 -23.27 1.41 9.34
CA VAL B 50 -22.37 2.54 9.53
C VAL B 50 -21.34 2.18 10.59
N ARG B 51 -20.08 2.47 10.32
CA ARG B 51 -18.98 2.18 11.21
C ARG B 51 -18.10 3.42 11.34
N LEU B 52 -17.83 3.82 12.58
CA LEU B 52 -16.99 4.98 12.86
C LEU B 52 -15.64 4.49 13.36
N VAL B 53 -14.57 5.03 12.79
CA VAL B 53 -13.21 4.74 13.23
C VAL B 53 -12.47 6.07 13.30
N SER B 54 -12.16 6.51 14.52
CA SER B 54 -11.34 7.70 14.73
C SER B 54 -9.92 7.24 15.01
N ARG B 55 -8.96 7.79 14.26
CA ARG B 55 -7.58 7.32 14.30
C ARG B 55 -6.67 8.44 14.75
N SER B 56 -5.81 8.15 15.72
CA SER B 56 -4.77 9.06 16.16
C SER B 56 -3.43 8.51 15.69
N ILE B 57 -2.68 9.33 14.95
CA ILE B 57 -1.51 8.87 14.23
C ILE B 57 -0.32 9.75 14.59
N TYR B 58 0.79 9.11 14.96
CA TYR B 58 2.05 9.79 15.22
C TYR B 58 2.99 9.48 14.05
N ASN B 59 3.35 10.52 13.30
CA ASN B 59 4.05 10.36 12.03
C ASN B 59 3.19 9.51 11.10
N ARG B 60 3.58 8.26 10.86
CA ARG B 60 2.79 7.36 10.03
C ARG B 60 2.33 6.12 10.77
N GLU B 61 2.43 6.10 12.08
CA GLU B 61 2.01 4.94 12.88
C GLU B 61 0.75 5.31 13.65
N GLU B 62 -0.35 4.61 13.35
CA GLU B 62 -1.56 4.76 14.15
C GLU B 62 -1.33 4.16 15.53
N ILE B 63 -1.54 4.97 16.57
CA ILE B 63 -1.21 4.56 17.92
C ILE B 63 -2.45 4.19 18.75
N VAL B 64 -3.59 4.83 18.50
CA VAL B 64 -4.82 4.55 19.23
C VAL B 64 -6.00 4.84 18.31
N ARG B 65 -7.06 4.07 18.46
CA ARG B 65 -8.25 4.30 17.66
C ARG B 65 -9.49 3.95 18.47
N PHE B 66 -10.61 4.51 18.04
CA PHE B 66 -11.93 4.12 18.54
C PHE B 66 -12.72 3.57 17.37
N ASP B 67 -13.02 2.28 17.42
CA ASP B 67 -13.82 1.60 16.40
C ASP B 67 -15.18 1.34 17.01
N SER B 68 -16.24 1.91 16.40
CA SER B 68 -17.58 1.74 16.93
C SER B 68 -18.01 0.27 16.95
N ASP B 69 -17.38 -0.58 16.14
CA ASP B 69 -17.67 -2.00 16.19
C ASP B 69 -17.13 -2.66 17.46
N VAL B 70 -16.12 -2.07 18.10
CA VAL B 70 -15.57 -2.65 19.32
C VAL B 70 -16.13 -1.90 20.53
N GLY B 71 -16.39 -0.61 20.37
CA GLY B 71 -17.09 0.17 21.38
C GLY B 71 -16.23 0.81 22.45
N GLU B 72 -14.90 0.70 22.36
CA GLU B 72 -14.03 1.34 23.33
C GLU B 72 -12.73 1.73 22.65
N PHE B 73 -11.96 2.58 23.31
CA PHE B 73 -10.65 2.96 22.79
C PHE B 73 -9.69 1.79 22.91
N ARG B 74 -8.90 1.58 21.85
CA ARG B 74 -7.92 0.51 21.82
C ARG B 74 -6.60 1.05 21.28
N ALA B 75 -5.53 0.83 22.02
CA ALA B 75 -4.21 1.24 21.56
C ALA B 75 -3.75 0.31 20.44
N VAL B 76 -3.25 0.91 19.35
CA VAL B 76 -2.71 0.12 18.26
C VAL B 76 -1.24 -0.20 18.49
N THR B 77 -0.48 0.71 19.09
CA THR B 77 0.90 0.50 19.48
C THR B 77 1.10 0.95 20.91
N LEU B 78 2.28 0.62 21.46
CA LEU B 78 2.58 0.97 22.85
C LEU B 78 2.52 2.47 23.09
N LEU B 79 2.82 3.28 22.07
CA LEU B 79 2.76 4.72 22.24
C LEU B 79 1.36 5.20 22.57
N GLY B 80 0.34 4.49 22.09
CA GLY B 80 -1.04 4.89 22.33
C GLY B 80 -1.68 4.36 23.60
N LEU B 81 -0.99 3.49 24.32
CA LEU B 81 -1.58 2.88 25.52
C LEU B 81 -1.94 3.88 26.60
N PRO B 82 -1.10 4.85 26.96
CA PRO B 82 -1.53 5.84 27.97
C PRO B 82 -2.75 6.63 27.55
N ALA B 83 -2.84 6.99 26.27
CA ALA B 83 -4.01 7.71 25.78
C ALA B 83 -5.26 6.83 25.83
N ALA B 84 -5.14 5.58 25.39
CA ALA B 84 -6.29 4.68 25.39
C ALA B 84 -6.80 4.43 26.80
N GLU B 85 -5.89 4.26 27.75
CA GLU B 85 -6.29 4.00 29.13
C GLU B 85 -6.97 5.22 29.75
N TYR B 86 -6.36 6.40 29.57
CA TYR B 86 -6.92 7.62 30.14
C TYR B 86 -8.31 7.90 29.57
N TRP B 87 -8.45 7.80 28.24
CA TRP B 87 -9.75 8.05 27.62
C TRP B 87 -10.78 7.00 28.03
N ASN B 88 -10.37 5.73 28.10
CA ASN B 88 -11.30 4.68 28.53
C ASN B 88 -11.72 4.86 29.98
N SER B 89 -10.89 5.52 30.81
CA SER B 89 -11.27 5.74 32.19
C SER B 89 -12.37 6.78 32.33
N GLN B 90 -12.56 7.64 31.33
CA GLN B 90 -13.56 8.70 31.37
C GLN B 90 -14.83 8.16 30.72
N LYS B 91 -15.77 7.71 31.55
CA LYS B 91 -16.97 7.08 31.03
C LYS B 91 -17.87 8.06 30.29
N ASP B 92 -17.79 9.35 30.65
CA ASP B 92 -18.52 10.37 29.92
C ASP B 92 -18.05 10.44 28.47
N ILE B 93 -16.73 10.40 28.25
CA ILE B 93 -16.20 10.40 26.89
C ILE B 93 -16.62 9.16 26.13
N LEU B 94 -16.61 8.00 26.80
CA LEU B 94 -17.00 6.76 26.16
C LEU B 94 -18.46 6.80 25.71
N GLU B 95 -19.34 7.36 26.54
CA GLU B 95 -20.75 7.46 26.18
C GLU B 95 -20.93 8.29 24.91
N ARG B 96 -20.29 9.45 24.85
CA ARG B 96 -20.44 10.33 23.71
C ARG B 96 -19.73 9.79 22.47
N LYS B 97 -18.63 9.06 22.67
CA LYS B 97 -17.96 8.42 21.53
C LYS B 97 -18.84 7.33 20.91
N ARG B 98 -19.53 6.56 21.75
CA ARG B 98 -20.41 5.51 21.23
C ARG B 98 -21.59 6.08 20.48
N ALA B 99 -22.02 7.30 20.82
CA ALA B 99 -23.12 7.96 20.12
C ALA B 99 -22.68 8.65 18.84
N ALA B 100 -21.37 8.74 18.58
CA ALA B 100 -20.88 9.51 17.44
C ALA B 100 -21.29 8.92 16.10
N VAL B 101 -21.59 7.62 16.03
CA VAL B 101 -22.02 7.03 14.76
C VAL B 101 -23.31 7.68 14.27
N ASP B 102 -24.18 8.09 15.20
CA ASP B 102 -25.40 8.80 14.86
C ASP B 102 -25.17 10.31 14.81
N ARG B 103 -24.52 10.85 15.84
CA ARG B 103 -24.34 12.30 15.93
C ARG B 103 -23.44 12.84 14.83
N VAL B 104 -22.47 12.04 14.38
CA VAL B 104 -21.52 12.49 13.36
C VAL B 104 -21.81 11.82 12.02
N CYS B 105 -21.57 10.50 11.96
CA CYS B 105 -21.62 9.80 10.67
C CYS B 105 -23.01 9.86 10.04
N ARG B 106 -24.02 9.32 10.72
CA ARG B 106 -25.35 9.28 10.14
C ARG B 106 -25.91 10.69 9.95
N HIS B 107 -25.60 11.60 10.87
CA HIS B 107 -26.05 12.98 10.73
C HIS B 107 -25.47 13.62 9.47
N ASN B 108 -24.15 13.48 9.26
CA ASN B 108 -23.53 14.06 8.09
C ASN B 108 -23.97 13.36 6.80
N TYR B 109 -24.29 12.07 6.87
CA TYR B 109 -24.76 11.36 5.68
C TYR B 109 -26.04 11.97 5.14
N GLN B 110 -26.90 12.47 6.03
CA GLN B 110 -28.12 13.15 5.58
C GLN B 110 -27.76 14.37 4.73
N LEU B 111 -26.67 15.05 5.09
CA LEU B 111 -26.20 16.18 4.29
C LEU B 111 -25.65 15.70 2.94
N GLU B 112 -24.92 14.58 2.95
CA GLU B 112 -24.38 14.04 1.70
C GLU B 112 -25.50 13.64 0.74
N LEU B 113 -26.59 13.08 1.28
CA LEU B 113 -27.73 12.69 0.45
C LEU B 113 -28.28 13.86 -0.33
N ARG B 114 -28.22 15.06 0.22
CA ARG B 114 -28.70 16.27 -0.45
C ARG B 114 -27.66 16.91 -1.36
N THR B 115 -26.39 16.51 -1.27
CA THR B 115 -25.33 17.19 -2.01
C THR B 115 -24.44 16.22 -2.80
N THR B 116 -23.43 15.66 -2.13
CA THR B 116 -22.43 14.85 -2.83
C THR B 116 -23.04 13.64 -3.51
N LEU B 117 -23.99 12.98 -2.85
CA LEU B 117 -24.62 11.81 -3.42
C LEU B 117 -25.64 12.15 -4.51
N GLN B 118 -25.99 13.42 -4.65
CA GLN B 118 -26.82 13.87 -5.76
C GLN B 118 -26.01 14.29 -6.98
N ARG B 119 -24.70 14.49 -6.82
CA ARG B 119 -23.88 15.02 -7.89
C ARG B 119 -23.82 14.04 -9.06
N ARG B 120 -24.25 14.51 -10.23
CA ARG B 120 -24.24 13.71 -11.45
C ARG B 120 -23.65 14.58 -12.56
N VAL B 121 -22.45 14.25 -13.00
CA VAL B 121 -21.78 14.97 -14.08
C VAL B 121 -21.58 13.99 -15.23
N GLU B 122 -22.24 14.27 -16.36
CA GLU B 122 -22.17 13.37 -17.50
C GLU B 122 -20.76 13.40 -18.11
N PRO B 123 -20.22 12.24 -18.48
CA PRO B 123 -18.87 12.20 -19.05
C PRO B 123 -18.82 12.80 -20.45
N THR B 124 -17.68 13.37 -20.78
CA THR B 124 -17.36 13.82 -22.13
C THR B 124 -16.54 12.73 -22.82
N VAL B 125 -17.00 12.28 -23.98
CA VAL B 125 -16.39 11.15 -24.68
C VAL B 125 -15.79 11.66 -25.98
N THR B 126 -14.48 11.47 -26.14
CA THR B 126 -13.73 11.95 -27.29
C THR B 126 -12.85 10.83 -27.83
N ILE B 127 -12.77 10.73 -29.15
CA ILE B 127 -11.92 9.77 -29.84
C ILE B 127 -10.91 10.54 -30.68
N SER B 128 -9.62 10.21 -30.51
CA SER B 128 -8.56 10.84 -31.27
C SER B 128 -7.47 9.82 -31.58
N PRO B 129 -6.99 9.76 -32.81
CA PRO B 129 -5.89 8.85 -33.13
C PRO B 129 -4.60 9.33 -32.50
N SER B 130 -3.66 8.39 -32.38
CA SER B 130 -2.35 8.65 -31.77
C SER B 130 -1.22 8.37 -32.75
N ASN B 139 -1.96 4.37 -35.45
CA ASN B 139 -2.44 2.99 -35.30
C ASN B 139 -2.95 2.74 -33.89
N LEU B 140 -3.06 3.79 -33.09
CA LEU B 140 -3.57 3.71 -31.73
C LEU B 140 -4.72 4.69 -31.57
N LEU B 141 -5.89 4.18 -31.19
CA LEU B 141 -7.07 5.01 -30.96
C LEU B 141 -7.29 5.20 -29.47
N VAL B 142 -7.44 6.45 -29.05
CA VAL B 142 -7.63 6.81 -27.65
C VAL B 142 -9.04 7.35 -27.46
N CYS B 143 -9.85 6.65 -26.68
CA CYS B 143 -11.15 7.14 -26.26
C CYS B 143 -11.02 7.76 -24.87
N SER B 144 -11.11 9.09 -24.81
CA SER B 144 -11.01 9.81 -23.55
C SER B 144 -12.40 10.04 -22.97
N VAL B 145 -12.63 9.51 -21.78
CA VAL B 145 -13.88 9.68 -21.04
C VAL B 145 -13.56 10.56 -19.85
N THR B 146 -13.94 11.85 -19.91
CA THR B 146 -13.42 12.85 -19.00
C THR B 146 -14.54 13.59 -18.28
N ASP B 147 -14.18 14.15 -17.11
CA ASP B 147 -15.03 15.06 -16.36
C ASP B 147 -16.39 14.45 -16.00
N PHE B 148 -16.35 13.30 -15.33
CA PHE B 148 -17.58 12.66 -14.88
C PHE B 148 -17.54 12.42 -13.38
N TYR B 149 -18.73 12.30 -12.81
CA TYR B 149 -18.92 11.97 -11.40
C TYR B 149 -20.33 11.37 -11.26
N PRO B 150 -20.47 10.29 -10.48
CA PRO B 150 -19.45 9.61 -9.65
C PRO B 150 -18.51 8.68 -10.42
N ALA B 151 -17.79 7.86 -9.64
CA ALA B 151 -16.68 7.07 -10.17
C ALA B 151 -17.13 5.96 -11.10
N GLN B 152 -18.31 5.39 -10.88
CA GLN B 152 -18.75 4.21 -11.63
C GLN B 152 -18.80 4.50 -13.13
N ILE B 153 -18.10 3.69 -13.92
CA ILE B 153 -18.00 3.90 -15.36
C ILE B 153 -17.70 2.55 -16.02
N LYS B 154 -18.16 2.39 -17.25
CA LYS B 154 -17.87 1.21 -18.07
C LYS B 154 -17.64 1.65 -19.51
N VAL B 155 -16.46 1.34 -20.05
CA VAL B 155 -16.08 1.75 -21.39
C VAL B 155 -15.71 0.53 -22.21
N ARG B 156 -16.25 0.45 -23.43
CA ARG B 156 -16.01 -0.67 -24.33
C ARG B 156 -15.62 -0.17 -25.72
N TRP B 157 -14.80 -0.93 -26.42
CA TRP B 157 -14.38 -0.64 -27.77
C TRP B 157 -15.02 -1.61 -28.76
N PHE B 158 -15.31 -1.11 -29.95
CA PHE B 158 -15.88 -1.92 -31.02
C PHE B 158 -15.20 -1.56 -32.34
N ARG B 159 -14.77 -2.59 -33.08
CA ARG B 159 -14.36 -2.44 -34.48
C ARG B 159 -15.46 -3.04 -35.35
N ASN B 160 -16.12 -2.18 -36.11
CA ASN B 160 -17.40 -2.51 -36.76
C ASN B 160 -18.36 -2.89 -35.63
N ASP B 161 -18.92 -4.11 -35.61
CA ASP B 161 -19.88 -4.46 -34.58
C ASP B 161 -19.38 -5.54 -33.62
N GLN B 162 -18.10 -5.87 -33.64
CA GLN B 162 -17.54 -6.85 -32.72
C GLN B 162 -16.70 -6.14 -31.67
N GLU B 163 -16.89 -6.51 -30.41
CA GLU B 163 -16.14 -5.91 -29.32
C GLU B 163 -14.67 -6.28 -29.41
N GLU B 164 -13.81 -5.30 -29.13
CA GLU B 164 -12.36 -5.49 -29.10
C GLU B 164 -11.92 -5.48 -27.65
N THR B 165 -11.17 -6.50 -27.25
CA THR B 165 -10.65 -6.59 -25.88
C THR B 165 -9.17 -6.92 -25.83
N ALA B 166 -8.68 -7.79 -26.73
CA ALA B 166 -7.28 -8.20 -26.68
C ALA B 166 -6.34 -7.03 -26.95
N GLY B 167 -6.71 -6.15 -27.87
CA GLY B 167 -5.87 -5.04 -28.25
C GLY B 167 -6.22 -3.74 -27.54
N VAL B 168 -6.92 -3.86 -26.42
CA VAL B 168 -7.38 -2.73 -25.64
C VAL B 168 -6.55 -2.61 -24.37
N VAL B 169 -6.14 -1.38 -24.04
CA VAL B 169 -5.51 -1.08 -22.77
C VAL B 169 -6.21 0.14 -22.18
N SER B 170 -6.62 0.01 -20.92
CA SER B 170 -7.32 1.09 -20.22
C SER B 170 -6.48 1.54 -19.03
N THR B 171 -6.44 2.85 -18.83
CA THR B 171 -5.82 3.37 -17.63
C THR B 171 -6.72 3.02 -16.44
N PRO B 172 -6.19 3.09 -15.22
CA PRO B 172 -7.05 3.04 -14.04
C PRO B 172 -7.94 4.27 -14.01
N LEU B 173 -8.93 4.23 -13.12
CA LEU B 173 -9.74 5.41 -12.88
C LEU B 173 -8.84 6.52 -12.36
N ILE B 174 -8.96 7.71 -12.95
CA ILE B 174 -8.09 8.84 -12.65
C ILE B 174 -8.88 9.87 -11.88
N ARG B 175 -8.39 10.21 -10.69
CA ARG B 175 -9.01 11.23 -9.86
C ARG B 175 -8.38 12.58 -10.17
N ASN B 176 -9.18 13.51 -10.70
CA ASN B 176 -8.66 14.82 -11.05
C ASN B 176 -8.49 15.73 -9.84
N GLY B 177 -9.19 15.44 -8.74
CA GLY B 177 -9.13 16.25 -7.54
C GLY B 177 -10.13 17.39 -7.49
N ASP B 178 -10.82 17.68 -8.60
CA ASP B 178 -11.82 18.74 -8.67
C ASP B 178 -13.23 18.16 -8.66
N TRP B 179 -13.41 16.99 -8.05
CA TRP B 179 -14.68 16.27 -7.98
C TRP B 179 -15.13 15.77 -9.35
N THR B 180 -14.17 15.45 -10.22
CA THR B 180 -14.45 14.74 -11.47
C THR B 180 -13.41 13.65 -11.64
N PHE B 181 -13.76 12.64 -12.43
CA PHE B 181 -12.85 11.57 -12.80
C PHE B 181 -12.64 11.57 -14.31
N GLN B 182 -11.64 10.80 -14.74
CA GLN B 182 -11.44 10.53 -16.15
C GLN B 182 -10.82 9.16 -16.31
N ILE B 183 -10.97 8.59 -17.50
CA ILE B 183 -10.36 7.31 -17.84
C ILE B 183 -10.09 7.30 -19.33
N LEU B 184 -8.93 6.76 -19.72
CA LEU B 184 -8.54 6.67 -21.12
C LEU B 184 -8.45 5.21 -21.52
N VAL B 185 -9.15 4.85 -22.59
CA VAL B 185 -9.20 3.48 -23.08
C VAL B 185 -8.65 3.48 -24.50
N MET B 186 -7.50 2.83 -24.68
CA MET B 186 -6.78 2.82 -25.95
C MET B 186 -6.98 1.49 -26.66
N LEU B 187 -7.05 1.55 -27.99
CA LEU B 187 -7.26 0.38 -28.83
C LEU B 187 -6.22 0.40 -29.95
N GLU B 188 -5.46 -0.69 -30.08
CA GLU B 188 -4.52 -0.84 -31.18
C GLU B 188 -5.28 -1.31 -32.41
N MET B 189 -5.06 -0.63 -33.54
CA MET B 189 -5.83 -0.90 -34.73
C MET B 189 -5.02 -0.53 -35.98
N THR B 190 -5.48 -1.04 -37.11
CA THR B 190 -4.91 -0.72 -38.42
C THR B 190 -6.03 -0.17 -39.30
N PRO B 191 -6.04 1.13 -39.59
CA PRO B 191 -7.21 1.73 -40.26
C PRO B 191 -7.37 1.25 -41.70
N GLN B 192 -8.63 1.15 -42.11
CA GLN B 192 -9.00 0.74 -43.45
C GLN B 192 -10.36 1.38 -43.78
N ARG B 193 -10.55 1.70 -45.06
CA ARG B 193 -11.78 2.36 -45.47
C ARG B 193 -13.00 1.49 -45.17
N GLY B 194 -14.09 2.13 -44.76
CA GLY B 194 -15.31 1.47 -44.38
C GLY B 194 -15.32 0.88 -42.99
N ASP B 195 -14.22 0.96 -42.25
CA ASP B 195 -14.15 0.48 -40.88
C ASP B 195 -14.67 1.56 -39.94
N VAL B 196 -15.55 1.18 -39.03
CA VAL B 196 -16.11 2.10 -38.04
C VAL B 196 -15.73 1.60 -36.66
N TYR B 197 -15.05 2.44 -35.89
CA TYR B 197 -14.66 2.13 -34.53
C TYR B 197 -15.57 2.90 -33.57
N THR B 198 -16.09 2.21 -32.57
CA THR B 198 -17.07 2.78 -31.65
C THR B 198 -16.59 2.65 -30.21
N CYS B 199 -16.65 3.74 -29.46
CA CYS B 199 -16.37 3.75 -28.03
C CYS B 199 -17.69 3.86 -27.28
N HIS B 200 -17.98 2.89 -26.43
CA HIS B 200 -19.26 2.74 -25.76
C HIS B 200 -19.07 3.03 -24.27
N VAL B 201 -19.79 4.02 -23.75
CA VAL B 201 -19.59 4.50 -22.37
C VAL B 201 -20.91 4.45 -21.62
N GLU B 202 -20.89 3.85 -20.43
CA GLU B 202 -22.05 3.79 -19.54
C GLU B 202 -21.69 4.48 -18.23
N HIS B 203 -22.59 5.34 -17.75
CA HIS B 203 -22.37 6.11 -16.54
C HIS B 203 -23.70 6.31 -15.84
N PRO B 204 -23.73 6.33 -14.50
CA PRO B 204 -25.00 6.48 -13.78
C PRO B 204 -25.75 7.76 -14.13
N SER B 205 -25.08 8.79 -14.60
CA SER B 205 -25.76 10.03 -14.98
C SER B 205 -26.43 9.94 -16.34
N LEU B 206 -26.20 8.87 -17.09
CA LEU B 206 -26.67 8.75 -18.46
C LEU B 206 -27.93 7.89 -18.50
N GLN B 207 -28.98 8.42 -19.13
CA GLN B 207 -30.19 7.63 -19.34
C GLN B 207 -29.96 6.56 -20.39
N SER B 208 -29.19 6.89 -21.43
CA SER B 208 -28.76 5.93 -22.43
C SER B 208 -27.25 5.98 -22.55
N PRO B 209 -26.61 4.87 -22.91
CA PRO B 209 -25.16 4.87 -23.05
C PRO B 209 -24.71 5.81 -24.16
N ILE B 210 -23.56 6.44 -23.95
CA ILE B 210 -22.97 7.32 -24.95
C ILE B 210 -22.16 6.48 -25.93
N THR B 211 -22.37 6.73 -27.22
CA THR B 211 -21.62 6.07 -28.27
C THR B 211 -20.99 7.13 -29.16
N VAL B 212 -19.70 6.98 -29.43
CA VAL B 212 -18.96 7.87 -30.32
C VAL B 212 -18.28 7.01 -31.38
N GLU B 213 -18.46 7.37 -32.64
CA GLU B 213 -17.91 6.62 -33.76
C GLU B 213 -16.68 7.31 -34.31
N TRP B 214 -15.79 6.52 -34.90
CA TRP B 214 -14.61 7.04 -35.57
C TRP B 214 -14.41 6.28 -36.87
N ARG B 215 -14.15 7.01 -37.96
CA ARG B 215 -13.91 6.44 -39.27
C ARG B 215 -12.64 7.02 -39.85
N ALA B 216 -11.88 6.19 -40.55
CA ALA B 216 -10.65 6.63 -41.21
C ALA B 216 -10.92 7.47 -42.44
N ILE C 3 -6.52 -8.40 -3.92
CA ILE C 3 -7.18 -9.69 -4.12
C ILE C 3 -7.25 -10.43 -2.80
N VAL C 4 -8.43 -10.94 -2.46
CA VAL C 4 -8.66 -11.66 -1.22
C VAL C 4 -8.70 -13.15 -1.50
N ALA C 5 -7.98 -13.93 -0.68
CA ALA C 5 -7.94 -15.38 -0.83
C ALA C 5 -7.50 -15.99 0.49
N ASP C 6 -7.90 -17.26 0.70
CA ASP C 6 -7.43 -18.00 1.86
C ASP C 6 -5.93 -18.24 1.79
N HIS C 7 -5.42 -18.53 0.59
CA HIS C 7 -3.99 -18.73 0.39
C HIS C 7 -3.59 -18.11 -0.93
N VAL C 8 -2.36 -17.59 -0.96
CA VAL C 8 -1.78 -17.00 -2.16
C VAL C 8 -0.39 -17.58 -2.34
N ALA C 9 -0.07 -17.93 -3.58
CA ALA C 9 1.20 -18.53 -3.91
C ALA C 9 1.77 -17.88 -5.16
N SER C 10 3.09 -17.93 -5.28
CA SER C 10 3.80 -17.47 -6.48
C SER C 10 4.63 -18.65 -7.00
N TYR C 11 4.25 -19.15 -8.17
CA TYR C 11 4.94 -20.27 -8.80
C TYR C 11 5.50 -19.91 -10.17
N GLY C 12 6.55 -19.08 -10.24
CA GLY C 12 7.19 -18.51 -9.07
C GLY C 12 7.44 -17.01 -9.22
N VAL C 13 8.27 -16.46 -8.34
CA VAL C 13 8.75 -15.08 -8.48
C VAL C 13 10.00 -15.11 -9.35
N ASN C 14 9.93 -14.44 -10.50
CA ASN C 14 11.04 -14.34 -11.43
C ASN C 14 11.56 -12.91 -11.43
N LEU C 15 12.87 -12.75 -11.30
CA LEU C 15 13.48 -11.44 -11.23
C LEU C 15 14.75 -11.41 -12.06
N TYR C 16 14.91 -10.35 -12.85
CA TYR C 16 16.15 -10.11 -13.58
C TYR C 16 16.32 -8.60 -13.70
N GLN C 17 17.54 -8.11 -13.42
CA GLN C 17 17.81 -6.69 -13.47
C GLN C 17 19.16 -6.43 -14.13
N SER C 18 19.26 -5.27 -14.77
CA SER C 18 20.45 -4.92 -15.53
C SER C 18 21.68 -4.76 -14.64
N TYR C 19 21.50 -4.22 -13.43
CA TYR C 19 22.64 -4.01 -12.54
C TYR C 19 23.22 -5.36 -12.13
N GLY C 20 24.46 -5.61 -12.53
CA GLY C 20 25.11 -6.89 -12.26
C GLY C 20 25.69 -7.52 -13.51
N PRO C 21 24.83 -8.13 -14.35
CA PRO C 21 23.40 -8.31 -14.15
C PRO C 21 23.09 -9.39 -13.13
N SER C 22 21.86 -9.41 -12.60
CA SER C 22 21.51 -10.34 -11.55
C SER C 22 20.10 -10.86 -11.77
N GLY C 23 19.87 -12.09 -11.31
CA GLY C 23 18.57 -12.71 -11.42
C GLY C 23 18.24 -13.48 -10.15
N GLN C 24 16.95 -13.81 -10.02
CA GLN C 24 16.47 -14.58 -8.88
C GLN C 24 15.26 -15.38 -9.29
N TYR C 25 15.19 -16.63 -8.81
CA TYR C 25 14.01 -17.47 -9.00
C TYR C 25 13.64 -18.10 -7.68
N THR C 26 12.39 -17.89 -7.25
CA THR C 26 11.88 -18.44 -6.01
C THR C 26 10.42 -18.86 -6.19
N HIS C 27 9.96 -19.71 -5.28
CA HIS C 27 8.54 -19.99 -5.12
C HIS C 27 8.12 -19.56 -3.72
N GLU C 28 6.93 -18.96 -3.62
CA GLU C 28 6.41 -18.47 -2.36
C GLU C 28 5.03 -19.07 -2.11
N PHE C 29 4.75 -19.38 -0.85
CA PHE C 29 3.42 -19.80 -0.44
C PHE C 29 3.06 -19.08 0.85
N ASP C 30 1.97 -18.31 0.82
CA ASP C 30 1.51 -17.53 1.97
C ASP C 30 2.60 -16.62 2.52
N GLY C 31 3.36 -16.00 1.61
CA GLY C 31 4.34 -15.00 1.97
C GLY C 31 5.68 -15.51 2.43
N ASP C 32 5.92 -16.82 2.42
CA ASP C 32 7.18 -17.40 2.82
C ASP C 32 7.86 -18.06 1.64
N GLU C 33 9.19 -18.04 1.65
CA GLU C 33 9.98 -18.59 0.55
C GLU C 33 10.04 -20.11 0.67
N GLN C 34 9.49 -20.81 -0.32
CA GLN C 34 9.55 -22.27 -0.32
C GLN C 34 10.93 -22.78 -0.73
N PHE C 35 11.51 -22.17 -1.76
CA PHE C 35 12.86 -22.51 -2.21
C PHE C 35 13.35 -21.40 -3.13
N TYR C 36 14.64 -21.42 -3.38
CA TYR C 36 15.23 -20.63 -4.47
C TYR C 36 16.11 -21.56 -5.29
N VAL C 37 16.36 -21.15 -6.53
CA VAL C 37 17.27 -21.87 -7.42
C VAL C 37 18.56 -21.08 -7.51
N ASP C 38 19.66 -21.72 -7.14
CA ASP C 38 20.98 -21.10 -7.27
C ASP C 38 21.31 -21.09 -8.75
N LEU C 39 21.14 -19.93 -9.39
CA LEU C 39 21.31 -19.83 -10.84
C LEU C 39 22.72 -20.16 -11.27
N GLY C 40 23.72 -19.74 -10.48
CA GLY C 40 25.10 -20.03 -10.83
C GLY C 40 25.43 -21.52 -10.77
N ARG C 41 25.07 -22.15 -9.65
CA ARG C 41 25.38 -23.56 -9.44
C ARG C 41 24.33 -24.51 -10.01
N LYS C 42 23.18 -23.99 -10.46
CA LYS C 42 22.10 -24.78 -11.01
C LYS C 42 21.67 -25.88 -10.03
N GLU C 43 21.13 -25.44 -8.91
CA GLU C 43 20.62 -26.36 -7.90
C GLU C 43 19.49 -25.70 -7.13
N THR C 44 18.49 -26.50 -6.77
CA THR C 44 17.35 -26.04 -6.01
C THR C 44 17.67 -26.13 -4.53
N VAL C 45 17.46 -25.03 -3.80
CA VAL C 45 17.75 -24.96 -2.38
C VAL C 45 16.43 -24.79 -1.64
N TRP C 46 15.95 -25.85 -1.02
CA TRP C 46 14.67 -25.82 -0.32
C TRP C 46 14.81 -25.10 1.00
N CYS C 47 13.87 -24.20 1.29
CA CYS C 47 13.88 -23.50 2.57
C CYS C 47 13.22 -24.30 3.67
N LEU C 48 12.25 -25.16 3.32
CA LEU C 48 11.50 -25.94 4.29
C LEU C 48 11.92 -27.39 4.20
N PRO C 49 12.36 -28.01 5.29
CA PRO C 49 12.85 -29.40 5.21
C PRO C 49 11.84 -30.38 4.67
N VAL C 50 10.56 -30.22 5.02
CA VAL C 50 9.54 -31.16 4.56
C VAL C 50 9.38 -31.11 3.04
N LEU C 51 9.78 -30.02 2.39
CA LEU C 51 9.67 -29.89 0.94
C LEU C 51 10.80 -30.60 0.21
N ARG C 52 11.84 -31.04 0.92
CA ARG C 52 12.96 -31.72 0.30
C ARG C 52 12.55 -33.06 -0.32
N GLN C 53 11.36 -33.56 0.00
CA GLN C 53 10.87 -34.79 -0.62
C GLN C 53 10.49 -34.59 -2.08
N PHE C 54 10.47 -33.35 -2.56
CA PHE C 54 10.12 -33.04 -3.93
C PHE C 54 11.37 -32.76 -4.74
N ARG C 55 11.22 -32.82 -6.05
CA ARG C 55 12.26 -32.42 -6.99
C ARG C 55 11.75 -31.26 -7.82
N PHE C 56 12.63 -30.31 -8.10
CA PHE C 56 12.31 -29.20 -8.98
C PHE C 56 13.49 -29.02 -9.93
N ASP C 57 13.21 -29.11 -11.22
CA ASP C 57 14.27 -29.04 -12.21
C ASP C 57 14.85 -27.62 -12.22
N PRO C 58 16.09 -27.42 -11.80
CA PRO C 58 16.65 -26.05 -11.79
C PRO C 58 16.75 -25.44 -13.16
N GLN C 59 16.74 -26.27 -14.23
CA GLN C 59 16.83 -25.73 -15.58
C GLN C 59 15.63 -24.87 -15.93
N PHE C 60 14.47 -25.13 -15.32
CA PHE C 60 13.30 -24.28 -15.56
C PHE C 60 13.61 -22.84 -15.17
N ALA C 61 14.25 -22.64 -14.02
CA ALA C 61 14.58 -21.29 -13.57
C ALA C 61 15.56 -20.63 -14.54
N LEU C 62 16.59 -21.35 -14.97
CA LEU C 62 17.56 -20.79 -15.89
C LEU C 62 16.88 -20.40 -17.22
N THR C 63 16.03 -21.28 -17.74
CA THR C 63 15.34 -20.98 -18.99
C THR C 63 14.38 -19.81 -18.83
N ASN C 64 13.66 -19.77 -17.70
CA ASN C 64 12.74 -18.66 -17.47
C ASN C 64 13.47 -17.33 -17.35
N ILE C 65 14.53 -17.28 -16.53
CA ILE C 65 15.29 -16.06 -16.36
C ILE C 65 15.88 -15.59 -17.67
N ALA C 66 16.27 -16.52 -18.54
CA ALA C 66 16.77 -16.13 -19.87
C ALA C 66 15.68 -15.43 -20.67
N VAL C 67 14.43 -15.88 -20.56
CA VAL C 67 13.33 -15.19 -21.22
C VAL C 67 13.16 -13.79 -20.64
N LEU C 68 13.28 -13.66 -19.31
CA LEU C 68 13.20 -12.36 -18.68
C LEU C 68 14.29 -11.42 -19.19
N LYS C 69 15.50 -11.96 -19.40
CA LYS C 69 16.59 -11.13 -19.91
C LYS C 69 16.27 -10.60 -21.30
N HIS C 70 15.70 -11.44 -22.16
CA HIS C 70 15.30 -10.99 -23.48
C HIS C 70 14.21 -9.93 -23.40
N ASN C 71 13.20 -10.16 -22.55
CA ASN C 71 12.11 -9.21 -22.42
C ASN C 71 12.59 -7.88 -21.83
N LEU C 72 13.53 -7.93 -20.89
CA LEU C 72 14.05 -6.70 -20.29
C LEU C 72 14.72 -5.82 -21.33
N ASN C 73 15.52 -6.41 -22.21
CA ASN C 73 16.22 -5.62 -23.23
C ASN C 73 15.23 -4.95 -24.17
N SER C 74 14.13 -5.64 -24.51
CA SER C 74 13.12 -5.04 -25.37
C SER C 74 12.44 -3.86 -24.68
N LEU C 75 12.11 -4.02 -23.39
CA LEU C 75 11.39 -2.96 -22.68
C LEU C 75 12.29 -1.76 -22.40
N ILE C 76 13.59 -1.98 -22.19
CA ILE C 76 14.50 -0.85 -21.99
C ILE C 76 14.46 0.08 -23.19
N LYS C 77 14.46 -0.48 -24.39
CA LYS C 77 14.39 0.34 -25.60
C LYS C 77 13.00 0.95 -25.75
N ARG C 78 11.95 0.14 -25.58
CA ARG C 78 10.60 0.60 -25.85
C ARG C 78 10.14 1.64 -24.81
N SER C 79 10.55 1.47 -23.56
CA SER C 79 10.21 2.45 -22.52
C SER C 79 11.04 3.72 -22.63
N ASN C 80 11.92 3.82 -23.63
CA ASN C 80 12.81 4.99 -23.79
C ASN C 80 13.76 5.10 -22.61
N SER C 81 14.31 3.95 -22.19
CA SER C 81 15.31 3.88 -21.12
C SER C 81 14.77 4.47 -19.82
N THR C 82 13.55 4.09 -19.47
CA THR C 82 12.94 4.50 -18.20
C THR C 82 13.52 3.66 -17.08
N ALA C 83 14.37 4.26 -16.25
CA ALA C 83 15.06 3.53 -15.21
C ALA C 83 14.18 3.39 -13.97
N ALA C 84 14.58 2.45 -13.10
CA ALA C 84 13.89 2.25 -11.84
C ALA C 84 14.08 3.44 -10.91
N THR C 85 13.11 3.66 -10.05
CA THR C 85 13.16 4.73 -9.04
C THR C 85 13.59 4.14 -7.70
N ASN C 86 14.58 4.77 -7.07
CA ASN C 86 15.06 4.32 -5.78
C ASN C 86 14.06 4.72 -4.70
N GLU C 87 13.58 3.73 -3.94
CA GLU C 87 12.69 3.98 -2.82
C GLU C 87 13.48 3.96 -1.52
N VAL C 88 12.86 4.51 -0.48
CA VAL C 88 13.46 4.55 0.86
C VAL C 88 13.06 3.28 1.60
N PRO C 89 13.99 2.40 1.92
CA PRO C 89 13.62 1.18 2.65
C PRO C 89 13.31 1.46 4.10
N GLU C 90 12.47 0.61 4.68
CA GLU C 90 12.09 0.68 6.09
C GLU C 90 12.71 -0.48 6.82
N VAL C 91 13.45 -0.19 7.90
CA VAL C 91 14.25 -1.18 8.61
C VAL C 91 13.70 -1.35 10.02
N THR C 92 13.53 -2.61 10.43
CA THR C 92 13.07 -2.94 11.78
C THR C 92 13.91 -4.10 12.29
N VAL C 93 14.36 -4.00 13.54
CA VAL C 93 15.18 -5.03 14.17
C VAL C 93 14.43 -5.56 15.38
N PHE C 94 14.35 -6.88 15.50
CA PHE C 94 13.66 -7.52 16.62
C PHE C 94 14.24 -8.91 16.81
N SER C 95 14.03 -9.45 18.01
CA SER C 95 14.54 -10.77 18.33
C SER C 95 13.51 -11.85 17.97
N LYS C 96 14.02 -13.03 17.62
CA LYS C 96 13.15 -14.15 17.30
C LYS C 96 12.42 -14.66 18.53
N SER C 97 13.11 -14.71 19.66
CA SER C 97 12.58 -15.22 20.91
C SER C 97 12.71 -14.15 21.99
N PRO C 98 12.00 -14.27 23.10
CA PRO C 98 12.21 -13.33 24.20
C PRO C 98 13.64 -13.39 24.68
N VAL C 99 14.16 -12.23 25.10
CA VAL C 99 15.55 -12.09 25.48
C VAL C 99 15.75 -12.68 26.87
N THR C 100 16.63 -13.67 26.98
CA THR C 100 17.11 -14.20 28.24
C THR C 100 18.62 -14.20 28.19
N LEU C 101 19.25 -13.51 29.14
CA LEU C 101 20.70 -13.39 29.11
C LEU C 101 21.35 -14.76 29.21
N GLY C 102 22.30 -15.02 28.30
CA GLY C 102 22.97 -16.30 28.24
C GLY C 102 22.28 -17.35 27.39
N GLN C 103 21.06 -17.09 26.91
CA GLN C 103 20.39 -18.06 26.05
C GLN C 103 20.57 -17.67 24.60
N PRO C 104 21.09 -18.56 23.75
CA PRO C 104 21.27 -18.22 22.34
C PRO C 104 19.95 -17.79 21.71
N ASN C 105 20.04 -16.71 20.93
CA ASN C 105 18.86 -16.10 20.31
C ASN C 105 19.24 -15.73 18.89
N ILE C 106 18.29 -15.11 18.18
CA ILE C 106 18.51 -14.67 16.81
C ILE C 106 17.93 -13.27 16.66
N LEU C 107 18.75 -12.34 16.20
CA LEU C 107 18.28 -11.01 15.84
C LEU C 107 17.79 -11.02 14.39
N ILE C 108 16.64 -10.39 14.16
CA ILE C 108 16.00 -10.37 12.86
C ILE C 108 15.94 -8.94 12.36
N CYS C 109 16.50 -8.69 11.18
CA CYS C 109 16.47 -7.36 10.56
C CYS C 109 15.59 -7.43 9.33
N LEU C 110 14.41 -6.80 9.42
CA LEU C 110 13.48 -6.74 8.31
C LEU C 110 13.75 -5.47 7.52
N VAL C 111 14.07 -5.62 6.24
CA VAL C 111 14.28 -4.49 5.35
C VAL C 111 13.13 -4.50 4.34
N ASP C 112 12.22 -3.56 4.48
CA ASP C 112 10.99 -3.50 3.71
C ASP C 112 11.06 -2.36 2.69
N ASN C 113 10.13 -2.39 1.73
CA ASN C 113 10.01 -1.37 0.70
C ASN C 113 11.33 -1.21 -0.06
N ILE C 114 11.88 -2.34 -0.50
CA ILE C 114 13.12 -2.37 -1.25
C ILE C 114 12.83 -2.24 -2.73
N PHE C 115 13.31 -1.16 -3.34
CA PHE C 115 13.37 -1.07 -4.79
C PHE C 115 14.39 -0.01 -5.22
N PRO C 116 15.28 -0.35 -6.16
CA PRO C 116 15.37 -1.68 -6.80
C PRO C 116 15.94 -2.76 -5.89
N PRO C 117 15.78 -4.04 -6.24
CA PRO C 117 16.28 -5.11 -5.37
C PRO C 117 17.79 -5.24 -5.40
N VAL C 118 18.48 -4.21 -4.90
CA VAL C 118 19.92 -4.23 -4.70
C VAL C 118 20.18 -3.61 -3.33
N VAL C 119 20.72 -4.39 -2.40
CA VAL C 119 20.87 -3.94 -1.03
C VAL C 119 22.02 -4.69 -0.37
N ASN C 120 22.63 -4.06 0.63
CA ASN C 120 23.64 -4.66 1.48
C ASN C 120 23.12 -4.61 2.90
N ILE C 121 22.94 -5.78 3.52
CA ILE C 121 22.47 -5.87 4.90
C ILE C 121 23.58 -6.53 5.71
N THR C 122 24.17 -5.79 6.64
CA THR C 122 25.25 -6.27 7.49
C THR C 122 24.93 -5.97 8.93
N TRP C 123 25.65 -6.65 9.83
CA TRP C 123 25.45 -6.52 11.26
C TRP C 123 26.69 -5.92 11.94
N LEU C 124 26.45 -5.15 12.98
CA LEU C 124 27.50 -4.59 13.83
C LEU C 124 27.30 -5.05 15.26
N SER C 125 28.41 -5.37 15.93
CA SER C 125 28.41 -5.71 17.35
C SER C 125 29.39 -4.80 18.06
N ASN C 126 28.89 -4.00 19.00
CA ASN C 126 29.69 -2.99 19.70
C ASN C 126 30.42 -2.09 18.70
N GLY C 127 29.76 -1.80 17.59
CA GLY C 127 30.28 -0.89 16.59
C GLY C 127 31.21 -1.47 15.55
N HIS C 128 31.52 -2.76 15.60
CA HIS C 128 32.37 -3.38 14.61
C HIS C 128 31.61 -4.45 13.84
N SER C 129 32.02 -4.66 12.59
CA SER C 129 31.32 -5.59 11.70
C SER C 129 31.41 -7.03 12.19
N VAL C 130 30.30 -7.76 12.05
CA VAL C 130 30.18 -9.16 12.43
C VAL C 130 30.19 -10.00 11.17
N THR C 131 30.91 -11.11 11.21
CA THR C 131 30.99 -12.04 10.08
C THR C 131 30.26 -13.34 10.35
N GLU C 132 30.57 -14.00 11.47
CA GLU C 132 29.97 -15.30 11.78
C GLU C 132 28.53 -15.17 12.23
N GLY C 133 27.71 -16.16 11.84
CA GLY C 133 26.33 -16.21 12.30
C GLY C 133 25.35 -15.35 11.55
N VAL C 134 25.71 -14.85 10.37
CA VAL C 134 24.83 -14.00 9.56
C VAL C 134 24.27 -14.80 8.40
N SER C 135 22.97 -14.65 8.16
CA SER C 135 22.31 -15.26 7.01
C SER C 135 21.15 -14.37 6.62
N GLU C 136 20.55 -14.67 5.46
CA GLU C 136 19.44 -13.85 4.99
C GLU C 136 18.57 -14.65 4.04
N THR C 137 17.34 -14.19 3.88
CA THR C 137 16.42 -14.75 2.91
C THR C 137 16.76 -14.22 1.52
N SER C 138 16.03 -14.68 0.51
CA SER C 138 16.08 -14.06 -0.79
C SER C 138 15.25 -12.77 -0.78
N PHE C 139 15.16 -12.11 -1.93
CA PHE C 139 14.23 -11.00 -2.06
C PHE C 139 12.81 -11.57 -2.15
N LEU C 140 11.96 -11.14 -1.21
CA LEU C 140 10.59 -11.63 -1.12
C LEU C 140 9.63 -10.59 -1.71
N SER C 141 8.68 -11.08 -2.50
CA SER C 141 7.83 -10.21 -3.31
C SER C 141 6.79 -9.48 -2.47
N LYS C 142 6.34 -8.35 -3.00
CA LYS C 142 5.24 -7.58 -2.44
C LYS C 142 4.25 -7.25 -3.55
N SER C 143 2.99 -7.05 -3.16
CA SER C 143 1.94 -6.80 -4.16
C SER C 143 2.15 -5.50 -4.92
N ASP C 144 2.87 -4.53 -4.35
CA ASP C 144 3.18 -3.30 -5.06
C ASP C 144 4.46 -3.43 -5.88
N HIS C 145 5.02 -4.63 -5.99
CA HIS C 145 6.16 -4.99 -6.83
C HIS C 145 7.48 -4.46 -6.30
N SER C 146 7.52 -3.94 -5.09
CA SER C 146 8.78 -3.76 -4.40
C SER C 146 9.12 -5.10 -3.72
N PHE C 147 10.18 -5.12 -2.92
CA PHE C 147 10.60 -6.35 -2.25
C PHE C 147 10.86 -6.06 -0.78
N PHE C 148 10.96 -7.12 0.00
CA PHE C 148 11.51 -7.05 1.34
C PHE C 148 12.48 -8.22 1.52
N LYS C 149 13.38 -8.06 2.48
CA LYS C 149 14.42 -9.04 2.73
C LYS C 149 14.69 -9.08 4.22
N ILE C 150 14.99 -10.27 4.74
CA ILE C 150 15.19 -10.48 6.16
C ILE C 150 16.58 -11.06 6.37
N SER C 151 17.35 -10.44 7.27
CA SER C 151 18.67 -10.92 7.65
C SER C 151 18.66 -11.37 9.10
N TYR C 152 19.47 -12.37 9.39
CA TYR C 152 19.51 -12.99 10.71
C TYR C 152 20.92 -12.91 11.28
N LEU C 153 21.00 -12.67 12.58
CA LEU C 153 22.27 -12.68 13.32
C LEU C 153 22.10 -13.50 14.58
N THR C 154 22.83 -14.61 14.68
CA THR C 154 22.84 -15.36 15.92
C THR C 154 23.61 -14.58 16.98
N LEU C 155 23.16 -14.69 18.21
CA LEU C 155 23.78 -13.91 19.27
C LEU C 155 23.55 -14.60 20.60
N LEU C 156 24.39 -14.21 21.57
CA LEU C 156 24.25 -14.62 22.97
C LEU C 156 23.97 -13.34 23.76
N PRO C 157 22.72 -13.06 24.10
CA PRO C 157 22.41 -11.78 24.76
C PRO C 157 23.15 -11.64 26.08
N SER C 158 23.86 -10.52 26.21
CA SER C 158 24.60 -10.19 27.42
C SER C 158 24.52 -8.70 27.66
N ALA C 159 24.85 -8.30 28.89
CA ALA C 159 24.77 -6.89 29.25
C ALA C 159 25.82 -6.04 28.53
N GLU C 160 26.87 -6.66 28.00
CA GLU C 160 27.99 -5.91 27.45
C GLU C 160 28.05 -5.88 25.92
N GLU C 161 27.08 -6.48 25.22
CA GLU C 161 27.02 -6.44 23.77
C GLU C 161 25.76 -5.75 23.31
N SER C 162 25.91 -4.79 22.40
CA SER C 162 24.81 -4.14 21.71
C SER C 162 25.05 -4.24 20.22
N TYR C 163 23.98 -4.16 19.43
CA TYR C 163 24.07 -4.49 18.02
C TYR C 163 23.40 -3.43 17.15
N ASP C 164 23.75 -3.46 15.87
CA ASP C 164 23.15 -2.61 14.85
C ASP C 164 22.96 -3.41 13.57
N CYS C 165 21.86 -3.19 12.89
CA CYS C 165 21.65 -3.68 11.53
C CYS C 165 21.99 -2.53 10.59
N LYS C 166 22.94 -2.77 9.69
CA LYS C 166 23.43 -1.75 8.77
C LYS C 166 22.89 -2.04 7.37
N VAL C 167 22.19 -1.07 6.79
CA VAL C 167 21.53 -1.24 5.50
C VAL C 167 22.09 -0.19 4.53
N GLU C 168 22.60 -0.67 3.39
CA GLU C 168 23.07 0.19 2.32
C GLU C 168 22.10 0.08 1.15
N HIS C 169 21.58 1.21 0.69
CA HIS C 169 20.67 1.21 -0.45
C HIS C 169 20.78 2.57 -1.14
N TRP C 170 20.58 2.56 -2.46
CA TRP C 170 20.69 3.81 -3.22
C TRP C 170 19.64 4.82 -2.84
N GLY C 171 18.52 4.39 -2.25
CA GLY C 171 17.54 5.31 -1.72
C GLY C 171 17.94 5.98 -0.44
N LEU C 172 19.10 5.62 0.12
CA LEU C 172 19.62 6.22 1.35
C LEU C 172 20.94 6.89 1.02
N ASP C 173 21.05 8.18 1.34
CA ASP C 173 22.30 8.90 1.10
C ASP C 173 23.40 8.40 2.03
N LYS C 174 23.04 7.98 3.24
CA LYS C 174 23.94 7.38 4.20
C LYS C 174 23.45 5.99 4.57
N PRO C 175 24.34 5.08 4.92
CA PRO C 175 23.88 3.76 5.40
C PRO C 175 22.99 3.92 6.62
N LEU C 176 21.93 3.13 6.66
CA LEU C 176 20.96 3.20 7.76
C LEU C 176 21.36 2.21 8.84
N LEU C 177 21.37 2.68 10.09
CA LEU C 177 21.72 1.86 11.24
C LEU C 177 20.52 1.82 12.18
N LYS C 178 20.03 0.61 12.45
CA LYS C 178 18.95 0.38 13.40
C LYS C 178 19.52 -0.35 14.60
N HIS C 179 19.46 0.29 15.76
CA HIS C 179 20.12 -0.21 16.97
C HIS C 179 19.22 -1.18 17.73
N TRP C 180 19.85 -2.11 18.42
CA TRP C 180 19.12 -3.06 19.26
C TRP C 180 19.96 -3.40 20.47
N GLU C 181 19.35 -3.40 21.65
CA GLU C 181 20.03 -3.75 22.89
C GLU C 181 19.23 -4.78 23.67
N PRO C 182 19.90 -5.65 24.42
CA PRO C 182 19.16 -6.66 25.18
C PRO C 182 18.30 -6.09 26.30
N GLU C 183 18.76 -5.02 26.95
CA GLU C 183 18.05 -4.39 28.07
C GLU C 183 17.73 -5.39 29.18
N GLN D 1 -24.44 22.18 7.93
CA GLN D 1 -24.08 21.95 9.32
C GLN D 1 -23.41 20.59 9.56
N PRO D 2 -22.30 20.30 8.89
CA PRO D 2 -21.60 19.03 9.14
C PRO D 2 -21.06 18.99 10.56
N PHE D 3 -21.28 17.86 11.23
CA PHE D 3 -20.83 17.69 12.61
C PHE D 3 -19.51 16.93 12.61
N PRO D 4 -18.44 17.51 13.16
CA PRO D 4 -17.12 16.87 13.08
C PRO D 4 -16.74 16.09 14.33
N GLN D 5 -15.67 15.29 14.24
CA GLN D 5 -15.19 14.54 15.39
C GLN D 5 -14.05 15.28 16.06
N PRO D 6 -14.08 15.45 17.38
CA PRO D 6 -12.96 16.09 18.07
C PRO D 6 -11.88 15.10 18.45
N GLU D 7 -10.67 15.63 18.57
CA GLU D 7 -9.56 14.87 19.12
C GLU D 7 -9.48 15.14 20.62
N LEU D 8 -9.07 14.14 21.38
CA LEU D 8 -9.01 14.29 22.82
C LEU D 8 -7.58 14.51 23.30
N PRO D 9 -7.38 15.29 24.35
CA PRO D 9 -6.02 15.57 24.82
C PRO D 9 -5.39 14.34 25.46
N TYR D 10 -4.08 14.18 25.21
CA TYR D 10 -3.30 13.10 25.77
C TYR D 10 -2.95 13.38 27.24
N PRO D 11 -2.91 12.35 28.09
CA PRO D 11 -2.60 12.50 29.51
C PRO D 11 -1.23 13.14 29.76
N SER D 29 24.50 7.49 -8.14
CA SER D 29 23.63 6.33 -8.00
C SER D 29 23.55 5.54 -9.30
N PRO D 30 23.85 4.24 -9.22
CA PRO D 30 23.85 3.41 -10.43
C PRO D 30 22.45 3.29 -11.03
N GLU D 31 22.42 3.18 -12.35
CA GLU D 31 21.18 2.99 -13.09
C GLU D 31 20.79 1.51 -13.14
N ASP D 32 19.51 1.24 -12.92
CA ASP D 32 19.02 -0.14 -12.86
C ASP D 32 17.71 -0.26 -13.62
N PHE D 33 17.59 -1.33 -14.42
CA PHE D 33 16.38 -1.66 -15.14
C PHE D 33 15.91 -3.05 -14.69
N VAL D 34 14.69 -3.12 -14.18
CA VAL D 34 14.20 -4.31 -13.49
C VAL D 34 13.03 -4.92 -14.25
N TYR D 35 13.03 -6.25 -14.36
CA TYR D 35 11.92 -7.01 -14.94
C TYR D 35 11.50 -8.10 -13.96
N GLN D 36 10.19 -8.25 -13.78
CA GLN D 36 9.65 -9.27 -12.89
C GLN D 36 8.54 -10.05 -13.60
N PHE D 37 8.45 -11.34 -13.31
CA PHE D 37 7.34 -12.18 -13.73
C PHE D 37 6.88 -13.01 -12.54
N LYS D 38 5.61 -12.92 -12.22
CA LYS D 38 5.02 -13.59 -11.07
C LYS D 38 3.91 -14.50 -11.54
N GLY D 39 4.10 -15.81 -11.38
CA GLY D 39 3.07 -16.78 -11.67
C GLY D 39 2.25 -17.09 -10.44
N MET D 40 1.23 -16.27 -10.19
CA MET D 40 0.51 -16.29 -8.92
C MET D 40 -0.76 -17.13 -9.00
N CYS D 41 -1.09 -17.75 -7.87
CA CYS D 41 -2.28 -18.57 -7.72
C CYS D 41 -3.00 -18.15 -6.45
N TYR D 42 -4.32 -17.97 -6.54
CA TYR D 42 -5.13 -17.57 -5.41
C TYR D 42 -6.14 -18.66 -5.09
N PHE D 43 -6.13 -19.13 -3.84
CA PHE D 43 -6.95 -20.26 -3.42
C PHE D 43 -7.93 -19.82 -2.33
N THR D 44 -9.20 -20.20 -2.50
CA THR D 44 -10.23 -19.97 -1.49
C THR D 44 -11.06 -21.23 -1.39
N ASN D 45 -11.32 -21.68 -0.16
CA ASN D 45 -12.05 -22.92 0.12
C ASN D 45 -11.38 -24.10 -0.59
N GLY D 46 -10.13 -24.35 -0.22
CA GLY D 46 -9.37 -25.40 -0.86
C GLY D 46 -9.14 -25.10 -2.32
N THR D 47 -9.48 -26.06 -3.19
CA THR D 47 -9.37 -25.90 -4.63
C THR D 47 -10.71 -25.60 -5.28
N GLU D 48 -11.76 -25.33 -4.48
CA GLU D 48 -13.07 -25.02 -5.04
C GLU D 48 -13.02 -23.72 -5.85
N ARG D 49 -12.40 -22.68 -5.30
CA ARG D 49 -12.25 -21.39 -5.97
C ARG D 49 -10.77 -21.14 -6.17
N VAL D 50 -10.30 -21.24 -7.41
CA VAL D 50 -8.90 -21.04 -7.75
C VAL D 50 -8.82 -20.01 -8.87
N ARG D 51 -7.90 -19.05 -8.73
CA ARG D 51 -7.71 -17.98 -9.70
C ARG D 51 -6.23 -17.86 -9.99
N LEU D 52 -5.88 -17.85 -11.27
CA LEU D 52 -4.49 -17.69 -11.70
C LEU D 52 -4.29 -16.30 -12.28
N VAL D 53 -3.24 -15.63 -11.83
CA VAL D 53 -2.86 -14.32 -12.35
C VAL D 53 -1.35 -14.33 -12.57
N SER D 54 -0.93 -14.32 -13.82
CA SER D 54 0.48 -14.18 -14.16
C SER D 54 0.74 -12.73 -14.53
N ARG D 55 1.75 -12.12 -13.91
CA ARG D 55 2.02 -10.71 -14.05
C ARG D 55 3.41 -10.49 -14.61
N SER D 56 3.50 -9.67 -15.66
CA SER D 56 4.77 -9.23 -16.23
C SER D 56 4.95 -7.76 -15.87
N ILE D 57 6.08 -7.45 -15.21
CA ILE D 57 6.29 -6.15 -14.59
C ILE D 57 7.59 -5.56 -15.07
N TYR D 58 7.55 -4.30 -15.50
CA TYR D 58 8.73 -3.54 -15.87
C TYR D 58 9.01 -2.53 -14.77
N ASN D 59 10.14 -2.69 -14.08
CA ASN D 59 10.44 -1.95 -12.86
C ASN D 59 9.37 -2.26 -11.81
N ARG D 60 8.49 -1.30 -11.54
CA ARG D 60 7.38 -1.51 -10.61
C ARG D 60 6.02 -1.32 -11.29
N GLU D 61 6.01 -1.32 -12.62
CA GLU D 61 4.79 -1.12 -13.39
C GLU D 61 4.41 -2.44 -14.05
N GLU D 62 3.27 -2.99 -13.65
CA GLU D 62 2.72 -4.17 -14.32
C GLU D 62 2.21 -3.75 -15.69
N ILE D 63 2.72 -4.41 -16.74
CA ILE D 63 2.43 -3.97 -18.10
C ILE D 63 1.42 -4.89 -18.78
N VAL D 64 1.46 -6.18 -18.45
CA VAL D 64 0.54 -7.15 -19.05
C VAL D 64 0.32 -8.27 -18.04
N ARG D 65 -0.88 -8.83 -18.05
CA ARG D 65 -1.19 -9.92 -17.15
C ARG D 65 -2.18 -10.86 -17.84
N PHE D 66 -2.21 -12.09 -17.34
CA PHE D 66 -3.22 -13.08 -17.72
C PHE D 66 -3.97 -13.46 -16.44
N ASP D 67 -5.25 -13.09 -16.40
CA ASP D 67 -6.14 -13.42 -15.30
C ASP D 67 -7.07 -14.52 -15.77
N SER D 68 -7.03 -15.67 -15.10
CA SER D 68 -7.87 -16.79 -15.50
C SER D 68 -9.35 -16.44 -15.45
N ASP D 69 -9.72 -15.41 -14.68
CA ASP D 69 -11.11 -14.95 -14.67
C ASP D 69 -11.52 -14.27 -15.96
N VAL D 70 -10.55 -13.73 -16.72
CA VAL D 70 -10.88 -13.05 -17.97
C VAL D 70 -10.59 -13.98 -19.16
N GLY D 71 -9.56 -14.81 -19.03
CA GLY D 71 -9.29 -15.85 -20.01
C GLY D 71 -8.40 -15.47 -21.16
N GLU D 72 -7.85 -14.25 -21.19
CA GLU D 72 -6.93 -13.85 -22.25
C GLU D 72 -5.93 -12.86 -21.68
N PHE D 73 -4.85 -12.63 -22.44
CA PHE D 73 -3.86 -11.65 -22.04
C PHE D 73 -4.42 -10.25 -22.19
N ARG D 74 -4.15 -9.40 -21.20
CA ARG D 74 -4.61 -8.02 -21.22
C ARG D 74 -3.45 -7.11 -20.83
N ALA D 75 -3.19 -6.12 -21.67
CA ALA D 75 -2.15 -5.15 -21.34
C ALA D 75 -2.64 -4.25 -20.22
N VAL D 76 -1.81 -4.07 -19.19
CA VAL D 76 -2.16 -3.18 -18.09
C VAL D 76 -1.77 -1.74 -18.42
N THR D 77 -0.67 -1.55 -19.14
CA THR D 77 -0.25 -0.25 -19.63
C THR D 77 0.11 -0.37 -21.09
N LEU D 78 0.33 0.79 -21.73
CA LEU D 78 0.67 0.82 -23.15
C LEU D 78 1.94 0.02 -23.43
N LEU D 79 2.85 -0.06 -22.46
CA LEU D 79 4.09 -0.81 -22.64
C LEU D 79 3.83 -2.30 -22.88
N GLY D 80 2.74 -2.83 -22.33
CA GLY D 80 2.44 -4.23 -22.46
C GLY D 80 1.61 -4.62 -23.67
N LEU D 81 1.13 -3.65 -24.44
CA LEU D 81 0.22 -3.95 -25.54
C LEU D 81 0.85 -4.84 -26.63
N PRO D 82 2.08 -4.61 -27.09
CA PRO D 82 2.65 -5.53 -28.10
C PRO D 82 2.75 -6.96 -27.61
N ALA D 83 3.10 -7.17 -26.33
CA ALA D 83 3.17 -8.52 -25.81
C ALA D 83 1.79 -9.16 -25.76
N ALA D 84 0.78 -8.41 -25.30
CA ALA D 84 -0.57 -8.96 -25.21
C ALA D 84 -1.11 -9.36 -26.58
N GLU D 85 -0.83 -8.56 -27.61
CA GLU D 85 -1.33 -8.87 -28.94
C GLU D 85 -0.66 -10.14 -29.49
N TYR D 86 0.66 -10.23 -29.39
CA TYR D 86 1.36 -11.41 -29.90
C TYR D 86 0.91 -12.67 -29.20
N TRP D 87 0.86 -12.64 -27.86
CA TRP D 87 0.47 -13.83 -27.11
C TRP D 87 -0.97 -14.22 -27.39
N ASN D 88 -1.88 -13.23 -27.45
CA ASN D 88 -3.27 -13.53 -27.78
C ASN D 88 -3.43 -14.02 -29.21
N SER D 89 -2.51 -13.68 -30.11
CA SER D 89 -2.59 -14.16 -31.48
C SER D 89 -2.29 -15.65 -31.58
N GLN D 90 -1.53 -16.20 -30.64
CA GLN D 90 -1.14 -17.61 -30.67
C GLN D 90 -2.14 -18.40 -29.83
N LYS D 91 -3.11 -19.02 -30.50
CA LYS D 91 -4.16 -19.76 -29.79
C LYS D 91 -3.61 -20.97 -29.05
N ASP D 92 -2.50 -21.55 -29.53
CA ASP D 92 -1.85 -22.61 -28.77
C ASP D 92 -1.35 -22.09 -27.42
N ILE D 93 -0.75 -20.91 -27.42
CA ILE D 93 -0.27 -20.31 -26.17
C ILE D 93 -1.45 -19.99 -25.26
N LEU D 94 -2.55 -19.47 -25.83
CA LEU D 94 -3.73 -19.16 -25.03
C LEU D 94 -4.31 -20.41 -24.38
N GLU D 95 -4.43 -21.49 -25.15
CA GLU D 95 -5.04 -22.71 -24.61
C GLU D 95 -4.22 -23.27 -23.45
N ARG D 96 -2.89 -23.19 -23.54
CA ARG D 96 -2.06 -23.69 -22.45
C ARG D 96 -2.13 -22.75 -21.25
N LYS D 97 -2.28 -21.45 -21.48
CA LYS D 97 -2.46 -20.53 -20.36
C LYS D 97 -3.80 -20.75 -19.66
N ARG D 98 -4.85 -21.01 -20.43
CA ARG D 98 -6.17 -21.24 -19.84
C ARG D 98 -6.20 -22.53 -19.03
N ALA D 99 -5.37 -23.51 -19.37
CA ALA D 99 -5.31 -24.75 -18.60
C ALA D 99 -4.40 -24.65 -17.37
N ALA D 100 -3.62 -23.57 -17.24
CA ALA D 100 -2.63 -23.49 -16.18
C ALA D 100 -3.27 -23.41 -14.79
N VAL D 101 -4.51 -22.92 -14.70
CA VAL D 101 -5.17 -22.85 -13.40
C VAL D 101 -5.31 -24.24 -12.80
N ASP D 102 -5.51 -25.26 -13.64
CA ASP D 102 -5.54 -26.64 -13.18
C ASP D 102 -4.15 -27.29 -13.19
N ARG D 103 -3.41 -27.13 -14.29
CA ARG D 103 -2.11 -27.79 -14.42
C ARG D 103 -1.09 -27.26 -13.42
N VAL D 104 -1.20 -25.98 -13.04
CA VAL D 104 -0.24 -25.39 -12.12
C VAL D 104 -0.86 -25.20 -10.74
N CYS D 105 -1.86 -24.31 -10.64
CA CYS D 105 -2.39 -23.92 -9.34
C CYS D 105 -2.99 -25.10 -8.59
N ARG D 106 -4.02 -25.73 -9.17
CA ARG D 106 -4.67 -26.83 -8.48
C ARG D 106 -3.74 -28.01 -8.28
N HIS D 107 -2.87 -28.27 -9.26
CA HIS D 107 -1.89 -29.35 -9.13
C HIS D 107 -0.94 -29.10 -7.96
N ASN D 108 -0.39 -27.88 -7.88
CA ASN D 108 0.54 -27.56 -6.81
C ASN D 108 -0.14 -27.54 -5.44
N TYR D 109 -1.42 -27.16 -5.40
CA TYR D 109 -2.14 -27.16 -4.12
C TYR D 109 -2.19 -28.54 -3.49
N GLN D 110 -2.27 -29.59 -4.32
CA GLN D 110 -2.23 -30.96 -3.80
C GLN D 110 -0.93 -31.21 -3.05
N LEU D 111 0.18 -30.64 -3.53
CA LEU D 111 1.44 -30.78 -2.82
C LEU D 111 1.43 -29.98 -1.53
N GLU D 112 0.84 -28.77 -1.56
CA GLU D 112 0.76 -27.95 -0.36
C GLU D 112 -0.07 -28.65 0.72
N LEU D 113 -1.15 -29.31 0.31
CA LEU D 113 -1.97 -30.04 1.27
C LEU D 113 -1.17 -31.09 2.02
N ARG D 114 -0.17 -31.67 1.38
CA ARG D 114 0.69 -32.68 1.99
C ARG D 114 1.85 -32.09 2.79
N THR D 115 2.14 -30.80 2.63
CA THR D 115 3.33 -30.22 3.23
C THR D 115 3.05 -28.93 4.00
N THR D 116 3.02 -27.80 3.29
CA THR D 116 2.91 -26.51 3.96
C THR D 116 1.63 -26.40 4.78
N LEU D 117 0.52 -26.91 4.25
CA LEU D 117 -0.75 -26.86 4.96
C LEU D 117 -0.84 -27.90 6.07
N GLN D 118 0.12 -28.85 6.13
CA GLN D 118 0.22 -29.78 7.24
C GLN D 118 1.10 -29.26 8.36
N ARG D 119 1.89 -28.23 8.10
CA ARG D 119 2.87 -27.75 9.07
C ARG D 119 2.19 -27.20 10.32
N ARG D 120 2.55 -27.78 11.46
CA ARG D 120 2.02 -27.36 12.76
C ARG D 120 3.19 -27.20 13.72
N VAL D 121 3.49 -25.96 14.09
CA VAL D 121 4.54 -25.66 15.05
C VAL D 121 3.87 -24.99 16.24
N GLU D 122 3.91 -25.66 17.39
CA GLU D 122 3.25 -25.13 18.58
C GLU D 122 3.97 -23.88 19.08
N PRO D 123 3.23 -22.84 19.45
CA PRO D 123 3.87 -21.62 19.93
C PRO D 123 4.48 -21.81 21.31
N THR D 124 5.55 -21.07 21.57
CA THR D 124 6.14 -20.97 22.89
C THR D 124 5.60 -19.70 23.55
N VAL D 125 5.04 -19.85 24.74
CA VAL D 125 4.35 -18.76 25.42
C VAL D 125 5.14 -18.39 26.68
N THR D 126 5.58 -17.15 26.76
CA THR D 126 6.40 -16.65 27.85
C THR D 126 5.84 -15.32 28.33
N ILE D 127 5.87 -15.10 29.63
CA ILE D 127 5.44 -13.85 30.25
C ILE D 127 6.63 -13.22 30.95
N SER D 128 6.89 -11.95 30.66
CA SER D 128 7.99 -11.21 31.28
C SER D 128 7.58 -9.77 31.50
N PRO D 129 7.89 -9.19 32.66
CA PRO D 129 7.60 -7.77 32.88
C PRO D 129 8.49 -6.88 32.03
N SER D 130 8.01 -5.65 31.80
CA SER D 130 8.77 -4.70 31.00
C SER D 130 9.06 -3.43 31.78
N ASN D 139 4.74 -2.49 35.48
CA ASN D 139 3.28 -2.37 35.37
C ASN D 139 2.82 -2.79 33.98
N LEU D 140 3.75 -3.33 33.20
CA LEU D 140 3.47 -3.82 31.86
C LEU D 140 3.93 -5.27 31.75
N LEU D 141 2.99 -6.15 31.42
CA LEU D 141 3.28 -7.57 31.23
C LEU D 141 3.29 -7.88 29.75
N VAL D 142 4.34 -8.55 29.29
CA VAL D 142 4.49 -8.92 27.89
C VAL D 142 4.33 -10.42 27.77
N CYS D 143 3.29 -10.86 27.08
CA CYS D 143 3.11 -12.27 26.76
C CYS D 143 3.66 -12.49 25.36
N SER D 144 4.79 -13.17 25.27
CA SER D 144 5.44 -13.45 24.00
C SER D 144 4.97 -14.80 23.48
N VAL D 145 4.33 -14.80 22.31
CA VAL D 145 3.86 -16.00 21.64
C VAL D 145 4.73 -16.15 20.40
N THR D 146 5.70 -17.06 20.43
CA THR D 146 6.76 -17.08 19.45
C THR D 146 6.87 -18.44 18.77
N ASP D 147 7.44 -18.41 17.56
CA ASP D 147 7.81 -19.61 16.81
C ASP D 147 6.63 -20.54 16.57
N PHE D 148 5.57 -20.00 15.97
CA PHE D 148 4.41 -20.81 15.63
C PHE D 148 4.09 -20.73 14.15
N TYR D 149 3.39 -21.75 13.67
CA TYR D 149 2.89 -21.83 12.31
C TYR D 149 1.72 -22.81 12.31
N PRO D 150 0.63 -22.50 11.59
CA PRO D 150 0.40 -21.35 10.71
C PRO D 150 0.03 -20.05 11.42
N ALA D 151 -0.44 -19.08 10.63
CA ALA D 151 -0.64 -17.73 11.12
C ALA D 151 -1.78 -17.62 12.12
N GLN D 152 -2.83 -18.44 11.97
CA GLN D 152 -4.03 -18.30 12.78
C GLN D 152 -3.69 -18.44 14.27
N ILE D 153 -4.05 -17.44 15.05
CA ILE D 153 -3.71 -17.39 16.47
C ILE D 153 -4.73 -16.52 17.17
N LYS D 154 -4.98 -16.83 18.45
CA LYS D 154 -5.84 -16.02 19.30
C LYS D 154 -5.21 -15.94 20.68
N VAL D 155 -4.89 -14.73 21.13
CA VAL D 155 -4.26 -14.51 22.42
C VAL D 155 -5.10 -13.55 23.23
N ARG D 156 -5.41 -13.92 24.47
CA ARG D 156 -6.20 -13.09 25.35
C ARG D 156 -5.54 -13.02 26.72
N TRP D 157 -5.76 -11.90 27.40
CA TRP D 157 -5.26 -11.67 28.75
C TRP D 157 -6.40 -11.77 29.76
N PHE D 158 -6.07 -12.27 30.94
CA PHE D 158 -7.05 -12.39 32.02
C PHE D 158 -6.42 -11.93 33.33
N ARG D 159 -7.18 -11.14 34.08
CA ARG D 159 -6.89 -10.87 35.48
C ARG D 159 -7.92 -11.66 36.28
N ASN D 160 -7.47 -12.76 36.88
CA ASN D 160 -8.34 -13.68 37.61
C ASN D 160 -9.38 -14.28 36.66
N ASP D 161 -10.62 -13.84 36.77
CA ASP D 161 -11.72 -14.41 35.99
C ASP D 161 -12.25 -13.48 34.91
N GLN D 162 -11.70 -12.27 34.78
CA GLN D 162 -12.20 -11.29 33.83
C GLN D 162 -11.16 -11.04 32.74
N GLU D 163 -11.61 -11.07 31.49
CA GLU D 163 -10.72 -10.77 30.37
C GLU D 163 -10.34 -9.30 30.37
N GLU D 164 -9.08 -9.03 30.03
CA GLU D 164 -8.57 -7.67 29.93
C GLU D 164 -8.46 -7.30 28.45
N THR D 165 -9.06 -6.18 28.07
CA THR D 165 -9.01 -5.70 26.69
C THR D 165 -8.65 -4.22 26.60
N ALA D 166 -9.16 -3.39 27.51
CA ALA D 166 -8.93 -1.95 27.42
C ALA D 166 -7.46 -1.61 27.60
N GLY D 167 -6.77 -2.32 28.49
CA GLY D 167 -5.37 -2.03 28.76
C GLY D 167 -4.41 -2.93 28.01
N VAL D 168 -4.90 -3.56 26.95
CA VAL D 168 -4.12 -4.50 26.16
C VAL D 168 -3.73 -3.85 24.83
N VAL D 169 -2.48 -4.02 24.43
CA VAL D 169 -2.01 -3.66 23.10
C VAL D 169 -1.25 -4.84 22.54
N SER D 170 -1.59 -5.24 21.33
CA SER D 170 -0.95 -6.37 20.67
C SER D 170 -0.23 -5.88 19.42
N THR D 171 0.95 -6.43 19.18
CA THR D 171 1.63 -6.15 17.93
C THR D 171 0.84 -6.81 16.80
N PRO D 172 1.07 -6.40 15.56
CA PRO D 172 0.56 -7.19 14.44
C PRO D 172 1.25 -8.55 14.44
N LEU D 173 0.70 -9.45 13.64
CA LEU D 173 1.38 -10.72 13.43
C LEU D 173 2.74 -10.46 12.80
N ILE D 174 3.78 -11.07 13.33
CA ILE D 174 5.15 -10.81 12.91
C ILE D 174 5.65 -12.03 12.14
N ARG D 175 6.09 -11.80 10.91
CA ARG D 175 6.64 -12.85 10.05
C ARG D 175 8.15 -12.89 10.24
N ASN D 176 8.65 -14.01 10.77
CA ASN D 176 10.08 -14.15 11.00
C ASN D 176 10.87 -14.48 9.73
N GLY D 177 10.21 -14.99 8.70
CA GLY D 177 10.87 -15.36 7.46
C GLY D 177 11.40 -16.77 7.42
N ASP D 178 11.42 -17.48 8.54
CA ASP D 178 11.88 -18.86 8.62
C ASP D 178 10.71 -19.83 8.77
N TRP D 179 9.54 -19.46 8.24
CA TRP D 179 8.31 -20.25 8.33
C TRP D 179 7.80 -20.36 9.75
N THR D 180 8.04 -19.34 10.57
CA THR D 180 7.40 -19.21 11.87
C THR D 180 6.93 -17.77 12.02
N PHE D 181 5.93 -17.60 12.88
CA PHE D 181 5.43 -16.28 13.24
C PHE D 181 5.65 -16.04 14.72
N GLN D 182 5.43 -14.80 15.13
CA GLN D 182 5.40 -14.45 16.54
C GLN D 182 4.44 -13.29 16.70
N ILE D 183 3.93 -13.14 17.92
CA ILE D 183 3.09 -12.00 18.26
C ILE D 183 3.29 -11.69 19.74
N LEU D 184 3.36 -10.40 20.05
CA LEU D 184 3.58 -9.93 21.41
C LEU D 184 2.34 -9.18 21.88
N VAL D 185 1.79 -9.61 23.02
CA VAL D 185 0.57 -9.03 23.56
C VAL D 185 0.90 -8.47 24.93
N MET D 186 0.82 -7.14 25.07
CA MET D 186 1.18 -6.46 26.30
C MET D 186 -0.07 -6.05 27.06
N LEU D 187 0.02 -6.11 28.39
CA LEU D 187 -1.09 -5.75 29.27
C LEU D 187 -0.57 -4.81 30.36
N GLU D 188 -1.17 -3.64 30.45
CA GLU D 188 -0.90 -2.74 31.56
C GLU D 188 -1.76 -3.14 32.74
N MET D 189 -1.14 -3.23 33.92
CA MET D 189 -1.82 -3.75 35.09
C MET D 189 -1.22 -3.12 36.34
N THR D 190 -1.99 -3.20 37.42
CA THR D 190 -1.53 -2.77 38.74
C THR D 190 -1.72 -3.95 39.69
N PRO D 191 -0.64 -4.64 40.08
CA PRO D 191 -0.81 -5.88 40.84
C PRO D 191 -1.30 -5.63 42.26
N GLN D 192 -2.23 -6.47 42.69
CA GLN D 192 -2.64 -6.57 44.08
C GLN D 192 -2.22 -7.92 44.64
N ARG D 193 -2.28 -8.05 45.96
CA ARG D 193 -1.98 -9.34 46.57
C ARG D 193 -2.99 -10.38 46.12
N GLY D 194 -2.50 -11.56 45.75
CA GLY D 194 -3.38 -12.61 45.31
C GLY D 194 -3.82 -12.53 43.87
N ASP D 195 -3.35 -11.54 43.11
CA ASP D 195 -3.74 -11.40 41.71
C ASP D 195 -2.97 -12.38 40.84
N VAL D 196 -3.71 -13.09 39.99
CA VAL D 196 -3.14 -14.04 39.05
C VAL D 196 -3.48 -13.57 37.65
N TYR D 197 -2.45 -13.33 36.83
CA TYR D 197 -2.63 -12.93 35.44
C TYR D 197 -2.33 -14.10 34.54
N THR D 198 -3.22 -14.33 33.56
CA THR D 198 -3.14 -15.49 32.68
C THR D 198 -3.10 -15.02 31.23
N CYS D 199 -2.17 -15.58 30.46
CA CYS D 199 -2.13 -15.36 29.03
C CYS D 199 -2.68 -16.61 28.35
N HIS D 200 -3.73 -16.44 27.56
CA HIS D 200 -4.49 -17.53 26.99
C HIS D 200 -4.24 -17.55 25.48
N VAL D 201 -3.71 -18.66 24.97
CA VAL D 201 -3.30 -18.75 23.57
C VAL D 201 -4.01 -19.94 22.93
N GLU D 202 -4.64 -19.69 21.79
CA GLU D 202 -5.30 -20.72 21.00
C GLU D 202 -4.66 -20.76 19.63
N HIS D 203 -4.30 -21.97 19.17
CA HIS D 203 -3.61 -22.14 17.90
C HIS D 203 -4.05 -23.47 17.30
N PRO D 204 -4.12 -23.56 15.97
CA PRO D 204 -4.55 -24.83 15.35
C PRO D 204 -3.69 -26.03 15.72
N SER D 205 -2.43 -25.81 16.12
CA SER D 205 -1.56 -26.91 16.51
C SER D 205 -1.84 -27.42 17.92
N LEU D 206 -2.69 -26.75 18.69
CA LEU D 206 -2.89 -27.07 20.10
C LEU D 206 -4.15 -27.90 20.28
N GLN D 207 -4.00 -29.05 20.95
CA GLN D 207 -5.14 -29.86 21.35
C GLN D 207 -6.05 -29.08 22.29
N SER D 208 -5.45 -28.41 23.27
CA SER D 208 -6.12 -27.53 24.21
C SER D 208 -5.33 -26.23 24.32
N PRO D 209 -5.98 -25.12 24.64
CA PRO D 209 -5.26 -23.84 24.70
C PRO D 209 -4.17 -23.85 25.75
N ILE D 210 -3.09 -23.14 25.44
CA ILE D 210 -1.98 -22.96 26.36
C ILE D 210 -2.29 -21.77 27.26
N THR D 211 -2.13 -21.96 28.56
CA THR D 211 -2.31 -20.89 29.54
C THR D 211 -1.03 -20.79 30.38
N VAL D 212 -0.54 -19.57 30.53
CA VAL D 212 0.64 -19.28 31.34
C VAL D 212 0.25 -18.23 32.36
N GLU D 213 0.57 -18.47 33.62
CA GLU D 213 0.20 -17.59 34.72
C GLU D 213 1.40 -16.75 35.15
N TRP D 214 1.11 -15.59 35.73
CA TRP D 214 2.14 -14.71 36.26
C TRP D 214 1.69 -14.18 37.62
N ARG D 215 2.59 -14.21 38.59
CA ARG D 215 2.33 -13.71 39.93
C ARG D 215 3.46 -12.78 40.34
N ALA D 216 3.12 -11.71 41.04
CA ALA D 216 4.12 -10.76 41.51
C ALA D 216 4.93 -11.34 42.67
#